data_4X5C
#
_entry.id   4X5C
#
_cell.length_a   94.485
_cell.length_b   78.106
_cell.length_c   100.550
_cell.angle_alpha   90.000
_cell.angle_beta   110.600
_cell.angle_gamma   90.000
#
_symmetry.space_group_name_H-M   'C 1 2 1'
#
loop_
_entity.id
_entity.type
_entity.pdbx_description
1 polymer 'Anthranilate phosphoribosyltransferase'
2 non-polymer 1-O-pyrophosphono-5-O-phosphono-alpha-D-ribofuranose
3 non-polymer 'MAGNESIUM ION'
4 non-polymer 'PYROPHOSPHATE 2-'
5 water water
#
_entity_poly.entity_id   1
_entity_poly.type   'polypeptide(L)'
_entity_poly.pdbx_seq_one_letter_code
;MALSAEGSSGGSRGGSPKAEAASVPSWPQILGRLTDNRDLARGQAAWAMDQIMTGNARPAQIAAFAVAMTMKAPTADEVG
ELAGVMLSHAHPLPADTVPDDAVDVVGTGGDGVNTVNLSTMAAIVVAAAGVPVVKHGNRAASSLSGGADTLEALGVRIDL
GPDLVARSLAEVGIGFCFAPRFHPSYRHAAAVLREIGVPTVFNLLGPLTNPARPRAGLIGCAFADLAEVMAGVFAARRSS
VLVVHGDDGLDELTTTTTSTIWRVAAGSVDKLTFDPAGFGFARAQLDQLAGGDAQANAAAVRAVLGGARGPVRDAVVLNA
AGAIVAHAGLSSRAEWLPAWEEGLRRASAAIDTGAAEQLLARWVRFGRQILEHHHHHH
;
_entity_poly.pdbx_strand_id   A,B
#
# COMPACT_ATOMS: atom_id res chain seq x y z
N VAL A 24 -22.98 -2.33 5.41
CA VAL A 24 -22.39 -2.68 4.08
C VAL A 24 -20.85 -2.59 4.11
N PRO A 25 -20.28 -1.35 4.15
CA PRO A 25 -18.89 -1.20 3.74
C PRO A 25 -17.89 -1.46 4.87
N SER A 26 -16.68 -1.85 4.50
CA SER A 26 -15.66 -2.25 5.44
C SER A 26 -14.28 -1.97 4.87
N TRP A 27 -13.28 -2.01 5.75
CA TRP A 27 -11.89 -1.87 5.33
C TRP A 27 -11.41 -3.06 4.51
N PRO A 28 -11.74 -4.29 4.93
CA PRO A 28 -11.31 -5.39 4.06
C PRO A 28 -11.99 -5.33 2.69
N GLN A 29 -13.24 -4.90 2.65
CA GLN A 29 -13.96 -4.77 1.38
C GLN A 29 -13.27 -3.75 0.48
N ILE A 30 -13.02 -2.57 1.04
CA ILE A 30 -12.42 -1.49 0.25
C ILE A 30 -10.94 -1.76 -0.06
N LEU A 31 -10.17 -2.20 0.93
CA LEU A 31 -8.76 -2.51 0.68
C LEU A 31 -8.57 -3.67 -0.32
N GLY A 32 -9.47 -4.65 -0.29
CA GLY A 32 -9.41 -5.82 -1.19
C GLY A 32 -9.65 -5.45 -2.63
N ARG A 33 -10.66 -4.62 -2.83
CA ARG A 33 -10.97 -4.08 -4.13
C ARG A 33 -9.82 -3.29 -4.76
N LEU A 34 -9.18 -2.44 -3.96
CA LEU A 34 -8.05 -1.67 -4.45
C LEU A 34 -6.87 -2.54 -4.82
N THR A 35 -6.57 -3.52 -3.97
CA THR A 35 -5.49 -4.46 -4.24
C THR A 35 -5.78 -5.33 -5.48
N ASP A 36 -7.06 -5.57 -5.75
CA ASP A 36 -7.44 -6.16 -7.04
C ASP A 36 -7.29 -5.20 -8.22
N ASN A 37 -6.72 -4.01 -7.99
CA ASN A 37 -6.48 -3.03 -9.04
C ASN A 37 -7.82 -2.56 -9.66
N ARG A 38 -8.86 -2.54 -8.83
CA ARG A 38 -10.19 -2.11 -9.25
C ARG A 38 -10.59 -0.74 -8.67
N ASP A 39 -11.22 0.08 -9.51
CA ASP A 39 -11.85 1.35 -9.10
C ASP A 39 -12.92 1.08 -8.05
N LEU A 40 -12.95 1.90 -7.00
CA LEU A 40 -13.96 1.76 -5.95
C LEU A 40 -15.34 2.10 -6.49
N ALA A 41 -16.36 1.54 -5.85
CA ALA A 41 -17.73 1.95 -6.09
C ALA A 41 -17.99 3.32 -5.47
N ARG A 42 -18.91 4.05 -6.07
CA ARG A 42 -19.38 5.32 -5.54
C ARG A 42 -19.68 5.25 -4.03
N GLY A 43 -19.15 6.20 -3.27
CA GLY A 43 -19.35 6.26 -1.83
C GLY A 43 -18.28 5.59 -1.02
N GLN A 44 -17.44 4.75 -1.62
CA GLN A 44 -16.46 4.02 -0.82
C GLN A 44 -15.28 4.86 -0.37
N ALA A 45 -14.65 5.54 -1.32
CA ALA A 45 -13.65 6.52 -0.98
C ALA A 45 -14.14 7.45 0.13
N ALA A 46 -15.38 7.95 0.01
CA ALA A 46 -15.95 8.84 1.00
C ALA A 46 -16.10 8.16 2.34
N TRP A 47 -16.65 6.95 2.36
CA TRP A 47 -16.77 6.22 3.62
C TRP A 47 -15.40 6.06 4.31
N ALA A 48 -14.38 5.72 3.52
CA ALA A 48 -13.05 5.51 4.04
C ALA A 48 -12.50 6.80 4.64
N MET A 49 -12.63 7.89 3.90
CA MET A 49 -12.11 9.16 4.37
C MET A 49 -12.88 9.61 5.62
N ASP A 50 -14.15 9.24 5.69
CA ASP A 50 -14.97 9.64 6.80
C ASP A 50 -14.58 8.85 8.08
N GLN A 51 -14.19 7.60 7.92
CA GLN A 51 -13.68 6.79 9.02
C GLN A 51 -12.37 7.37 9.50
N ILE A 52 -11.54 7.80 8.55
CA ILE A 52 -10.31 8.47 8.88
C ILE A 52 -10.56 9.76 9.64
N MET A 53 -11.39 10.63 9.09
CA MET A 53 -11.64 11.93 9.72
C MET A 53 -12.25 11.82 11.13
N THR A 54 -13.11 10.84 11.36
CA THR A 54 -13.79 10.70 12.65
C THR A 54 -12.97 9.94 13.72
N GLY A 55 -11.83 9.39 13.33
CA GLY A 55 -10.90 8.75 14.28
C GLY A 55 -11.14 7.25 14.47
N ASN A 56 -11.92 6.63 13.58
CA ASN A 56 -12.26 5.22 13.69
C ASN A 56 -11.42 4.31 12.83
N ALA A 57 -10.32 4.82 12.30
CA ALA A 57 -9.46 4.04 11.43
C ALA A 57 -8.13 3.79 12.09
N ARG A 58 -7.64 2.57 11.96
CA ARG A 58 -6.36 2.20 12.54
C ARG A 58 -5.24 2.66 11.62
N PRO A 59 -4.08 2.98 12.19
CA PRO A 59 -2.95 3.43 11.41
C PRO A 59 -2.63 2.59 10.20
N ALA A 60 -2.70 1.28 10.36
CA ALA A 60 -2.44 0.36 9.26
C ALA A 60 -3.49 0.51 8.17
N GLN A 61 -4.74 0.73 8.55
CA GLN A 61 -5.83 0.91 7.59
C GLN A 61 -5.58 2.14 6.75
N ILE A 62 -5.16 3.21 7.40
CA ILE A 62 -4.90 4.49 6.71
C ILE A 62 -3.79 4.38 5.68
N ALA A 63 -2.67 3.79 6.09
CA ALA A 63 -1.51 3.64 5.24
C ALA A 63 -1.81 2.75 4.03
N ALA A 64 -2.52 1.65 4.30
CA ALA A 64 -2.85 0.66 3.28
C ALA A 64 -3.72 1.30 2.20
N PHE A 65 -4.70 2.07 2.66
CA PHE A 65 -5.63 2.78 1.82
C PHE A 65 -4.95 3.78 0.95
N ALA A 66 -4.08 4.57 1.57
CA ALA A 66 -3.39 5.62 0.85
C ALA A 66 -2.45 5.03 -0.20
N VAL A 67 -1.74 3.96 0.16
CA VAL A 67 -0.80 3.32 -0.75
C VAL A 67 -1.56 2.56 -1.83
N ALA A 68 -2.63 1.88 -1.45
CA ALA A 68 -3.37 1.06 -2.38
C ALA A 68 -4.09 1.94 -3.42
N MET A 69 -4.60 3.06 -2.95
CA MET A 69 -5.29 4.02 -3.80
C MET A 69 -4.33 4.65 -4.79
N THR A 70 -3.06 4.78 -4.40
CA THR A 70 -2.08 5.42 -5.25
C THR A 70 -1.65 4.49 -6.40
N MET A 71 -1.37 3.24 -6.06
CA MET A 71 -0.86 2.26 -7.01
C MET A 71 -1.93 1.77 -8.00
N LYS A 72 -3.19 1.78 -7.57
CA LYS A 72 -4.32 1.69 -8.49
C LYS A 72 -4.52 3.13 -8.89
N ALA A 73 -4.24 3.48 -10.15
CA ALA A 73 -4.39 4.90 -10.57
C ALA A 73 -5.70 5.47 -10.00
N PRO A 74 -5.62 6.48 -9.12
CA PRO A 74 -6.89 7.01 -8.61
C PRO A 74 -7.67 7.85 -9.62
N THR A 75 -8.99 7.85 -9.49
CA THR A 75 -9.84 8.59 -10.41
C THR A 75 -10.29 9.91 -9.83
N ALA A 76 -10.77 10.79 -10.70
CA ALA A 76 -11.30 12.09 -10.30
C ALA A 76 -12.43 11.96 -9.29
N ASP A 77 -13.32 10.98 -9.52
CA ASP A 77 -14.41 10.72 -8.58
C ASP A 77 -13.89 10.34 -7.19
N GLU A 78 -12.95 9.41 -7.18
CA GLU A 78 -12.32 8.97 -5.95
C GLU A 78 -11.67 10.14 -5.19
N VAL A 79 -10.85 10.93 -5.88
CA VAL A 79 -10.14 12.02 -5.20
C VAL A 79 -11.12 13.11 -4.73
N GLY A 80 -12.17 13.33 -5.53
CA GLY A 80 -13.24 14.23 -5.14
C GLY A 80 -14.00 13.83 -3.87
N GLU A 81 -14.20 12.53 -3.70
CA GLU A 81 -14.89 12.03 -2.55
C GLU A 81 -14.05 12.23 -1.28
N LEU A 82 -12.75 11.99 -1.40
CA LEU A 82 -11.80 12.28 -0.32
C LEU A 82 -11.80 13.75 0.06
N ALA A 83 -11.66 14.59 -0.95
CA ALA A 83 -11.63 16.04 -0.75
C ALA A 83 -12.94 16.55 -0.16
N GLY A 84 -14.07 15.99 -0.60
CA GLY A 84 -15.40 16.40 -0.16
C GLY A 84 -15.63 16.04 1.30
N VAL A 85 -15.28 14.82 1.68
CA VAL A 85 -15.43 14.42 3.07
C VAL A 85 -14.63 15.36 3.96
N MET A 86 -13.38 15.57 3.59
CA MET A 86 -12.52 16.53 4.26
C MET A 86 -13.18 17.93 4.35
N LEU A 87 -13.58 18.50 3.23
CA LEU A 87 -14.24 19.80 3.30
C LEU A 87 -15.42 19.85 4.26
N SER A 88 -16.21 18.79 4.27
CA SER A 88 -17.43 18.80 5.03
C SER A 88 -17.13 18.67 6.54
N HIS A 89 -15.89 18.31 6.89
CA HIS A 89 -15.42 18.30 8.29
C HIS A 89 -14.65 19.54 8.66
N ALA A 90 -14.30 20.37 7.68
CA ALA A 90 -13.46 21.54 7.95
C ALA A 90 -14.31 22.65 8.57
N HIS A 91 -13.63 23.59 9.22
CA HIS A 91 -14.23 24.83 9.70
C HIS A 91 -14.44 25.78 8.53
N PRO A 92 -15.69 26.22 8.30
CA PRO A 92 -15.93 27.22 7.25
C PRO A 92 -15.59 28.67 7.65
N LEU A 93 -15.46 29.52 6.64
CA LEU A 93 -15.45 30.95 6.85
C LEU A 93 -16.88 31.39 6.99
N PRO A 94 -17.13 32.54 7.62
CA PRO A 94 -18.51 32.95 7.78
C PRO A 94 -19.22 33.20 6.46
N ALA A 95 -20.54 33.14 6.53
CA ALA A 95 -21.40 33.42 5.40
C ALA A 95 -21.09 34.79 4.82
N ASP A 96 -20.97 34.83 3.50
CA ASP A 96 -20.87 36.06 2.72
C ASP A 96 -19.59 36.87 2.94
N THR A 97 -18.50 36.21 3.36
CA THR A 97 -17.19 36.89 3.51
C THR A 97 -16.16 36.55 2.44
N VAL A 98 -16.46 35.57 1.60
CA VAL A 98 -15.58 35.23 0.50
C VAL A 98 -16.18 35.73 -0.83
N PRO A 99 -15.48 36.62 -1.56
CA PRO A 99 -15.99 37.05 -2.86
C PRO A 99 -16.20 35.87 -3.80
N ASP A 100 -17.25 35.93 -4.62
CA ASP A 100 -17.49 34.93 -5.67
C ASP A 100 -16.22 34.64 -6.52
N ASP A 101 -15.31 35.62 -6.58
CA ASP A 101 -14.13 35.51 -7.46
C ASP A 101 -12.80 35.36 -6.72
N ALA A 102 -12.78 34.86 -5.49
CA ALA A 102 -11.51 34.72 -4.78
C ALA A 102 -10.64 33.67 -5.48
N VAL A 103 -9.32 33.85 -5.50
CA VAL A 103 -8.45 32.83 -6.09
C VAL A 103 -7.47 32.28 -5.07
N ASP A 104 -6.94 31.09 -5.34
CA ASP A 104 -5.93 30.48 -4.49
C ASP A 104 -4.67 30.30 -5.32
N VAL A 105 -3.53 30.30 -4.64
CA VAL A 105 -2.22 30.01 -5.21
C VAL A 105 -1.46 29.07 -4.30
N VAL A 106 -1.42 27.80 -4.65
CA VAL A 106 -0.96 26.75 -3.78
C VAL A 106 -0.64 25.48 -4.56
N GLY A 107 0.34 24.72 -4.09
CA GLY A 107 0.72 23.48 -4.74
C GLY A 107 0.75 22.34 -3.76
N THR A 108 0.90 21.15 -4.31
CA THR A 108 1.05 19.92 -3.54
C THR A 108 2.32 19.92 -2.71
N GLY A 109 3.35 20.61 -3.20
CA GLY A 109 4.68 20.44 -2.63
C GLY A 109 5.19 19.06 -3.05
N GLY A 110 6.38 18.70 -2.57
CA GLY A 110 6.98 17.40 -2.87
C GLY A 110 7.68 17.32 -4.22
N ASP A 111 8.14 18.46 -4.74
CA ASP A 111 8.94 18.46 -5.96
C ASP A 111 10.40 18.07 -5.73
N GLY A 112 10.83 18.00 -4.47
CA GLY A 112 12.18 17.51 -4.11
C GLY A 112 13.27 18.53 -4.37
N VAL A 113 12.85 19.77 -4.59
CA VAL A 113 13.74 20.90 -4.80
C VAL A 113 13.35 21.86 -3.69
N ASN A 114 14.30 22.43 -2.94
CA ASN A 114 13.91 23.47 -1.98
C ASN A 114 14.05 24.86 -2.59
N THR A 115 13.13 25.16 -3.48
CA THR A 115 13.08 26.45 -4.16
C THR A 115 12.62 27.50 -3.16
N VAL A 116 12.78 28.76 -3.55
CA VAL A 116 12.13 29.86 -2.84
C VAL A 116 10.60 29.64 -2.95
N ASN A 117 9.85 30.31 -2.09
CA ASN A 117 8.40 30.12 -2.01
C ASN A 117 7.60 30.85 -3.10
N LEU A 118 7.51 30.24 -4.28
CA LEU A 118 6.94 30.93 -5.44
C LEU A 118 5.46 31.21 -5.32
N SER A 119 4.67 30.21 -4.91
CA SER A 119 3.26 30.38 -4.70
C SER A 119 2.94 31.52 -3.72
N THR A 120 3.69 31.57 -2.63
CA THR A 120 3.46 32.56 -1.58
C THR A 120 3.76 33.98 -2.07
N MET A 121 4.83 34.12 -2.83
CA MET A 121 5.20 35.40 -3.43
C MET A 121 4.21 35.81 -4.54
N ALA A 122 3.72 34.82 -5.26
CA ALA A 122 2.72 35.03 -6.29
C ALA A 122 1.44 35.54 -5.65
N ALA A 123 1.00 34.86 -4.59
CA ALA A 123 -0.22 35.23 -3.88
C ALA A 123 -0.23 36.69 -3.46
N ILE A 124 0.87 37.13 -2.90
CA ILE A 124 0.96 38.53 -2.46
C ILE A 124 0.85 39.53 -3.65
N VAL A 125 1.51 39.17 -4.75
CA VAL A 125 1.48 40.01 -5.95
C VAL A 125 0.06 40.09 -6.48
N VAL A 126 -0.60 38.92 -6.52
CA VAL A 126 -1.95 38.81 -7.03
C VAL A 126 -2.89 39.68 -6.22
N ALA A 127 -2.87 39.54 -4.89
CA ALA A 127 -3.71 40.39 -4.01
C ALA A 127 -3.46 41.87 -4.23
N ALA A 128 -2.20 42.19 -4.49
CA ALA A 128 -1.82 43.57 -4.80
C ALA A 128 -2.34 44.04 -6.17
N ALA A 129 -2.59 43.12 -7.10
CA ALA A 129 -3.17 43.53 -8.39
C ALA A 129 -4.66 43.78 -8.20
N GLY A 130 -5.19 43.49 -7.01
CA GLY A 130 -6.61 43.73 -6.71
C GLY A 130 -7.51 42.53 -6.87
N VAL A 131 -6.91 41.37 -7.11
CA VAL A 131 -7.66 40.11 -7.14
C VAL A 131 -7.72 39.56 -5.71
N PRO A 132 -8.92 39.26 -5.17
CA PRO A 132 -8.95 38.71 -3.80
C PRO A 132 -8.34 37.29 -3.72
N VAL A 133 -7.39 37.11 -2.81
CA VAL A 133 -6.67 35.88 -2.62
C VAL A 133 -7.01 35.30 -1.26
N VAL A 134 -7.43 34.04 -1.25
CA VAL A 134 -7.57 33.29 -0.01
C VAL A 134 -6.69 32.04 -0.16
N LYS A 135 -5.51 32.12 0.42
CA LYS A 135 -4.50 31.13 0.21
C LYS A 135 -4.60 30.05 1.28
N HIS A 136 -4.41 28.79 0.90
CA HIS A 136 -4.41 27.68 1.84
C HIS A 136 -2.96 27.27 1.94
N GLY A 137 -2.54 26.78 3.08
CA GLY A 137 -1.12 26.53 3.25
C GLY A 137 -0.69 25.67 4.41
N ASN A 138 0.59 25.36 4.37
CA ASN A 138 1.17 24.54 5.38
C ASN A 138 2.67 24.79 5.51
N ARG A 139 3.23 24.31 6.63
CA ARG A 139 4.67 24.25 6.83
C ARG A 139 5.25 23.28 5.82
N ALA A 140 6.57 23.22 5.70
CA ALA A 140 7.17 22.26 4.76
C ALA A 140 6.94 20.86 5.30
N ALA A 141 6.99 19.87 4.41
CA ALA A 141 7.09 18.47 4.80
C ALA A 141 8.48 17.92 4.50
N SER A 142 9.17 18.51 3.53
CA SER A 142 10.45 17.99 3.01
C SER A 142 11.46 19.11 2.69
N SER A 143 11.02 20.10 1.93
CA SER A 143 11.79 21.34 1.70
C SER A 143 12.18 22.04 3.00
N LEU A 144 13.08 23.01 2.91
CA LEU A 144 13.63 23.69 4.10
C LEU A 144 12.69 24.73 4.73
N SER A 145 11.85 25.35 3.90
CA SER A 145 10.85 26.29 4.39
C SER A 145 9.61 26.28 3.50
N GLY A 146 8.46 26.00 4.10
CA GLY A 146 7.19 26.08 3.40
C GLY A 146 6.61 27.48 3.42
N GLY A 147 5.51 27.68 2.70
CA GLY A 147 4.82 28.96 2.67
C GLY A 147 4.51 29.48 4.05
N ALA A 148 3.85 28.67 4.86
CA ALA A 148 3.51 29.12 6.20
C ALA A 148 4.76 29.49 7.05
N ASP A 149 5.81 28.69 6.90
CA ASP A 149 7.07 28.95 7.58
C ASP A 149 7.56 30.32 7.15
N THR A 150 7.68 30.51 5.84
CA THR A 150 8.16 31.77 5.31
C THR A 150 7.26 32.96 5.62
N LEU A 151 5.94 32.78 5.53
CA LEU A 151 5.03 33.82 5.98
C LEU A 151 5.30 34.16 7.46
N GLU A 152 5.45 33.14 8.31
CA GLU A 152 5.61 33.35 9.76
C GLU A 152 6.88 34.16 10.07
N ALA A 153 7.97 33.77 9.43
CA ALA A 153 9.23 34.52 9.45
C ALA A 153 9.12 36.00 9.02
N LEU A 154 8.08 36.35 8.27
CA LEU A 154 7.88 37.72 7.79
C LEU A 154 7.08 38.56 8.75
N GLY A 155 6.49 37.96 9.76
CA GLY A 155 5.68 38.71 10.74
C GLY A 155 4.20 38.54 10.51
N VAL A 156 3.86 37.81 9.44
CA VAL A 156 2.49 37.53 9.06
C VAL A 156 1.95 36.47 9.97
N ARG A 157 0.71 36.62 10.41
CA ARG A 157 0.09 35.63 11.28
C ARG A 157 -0.57 34.54 10.49
N ILE A 158 -0.15 33.31 10.74
CA ILE A 158 -0.62 32.16 9.98
C ILE A 158 -1.76 31.43 10.68
N ASP A 159 -1.88 31.62 12.00
CA ASP A 159 -2.78 30.82 12.82
C ASP A 159 -4.18 31.39 13.04
N LEU A 160 -4.59 32.37 12.26
CA LEU A 160 -5.90 32.98 12.49
C LEU A 160 -7.06 32.01 12.21
N GLY A 161 -8.12 32.15 13.00
CA GLY A 161 -9.37 31.41 12.79
C GLY A 161 -10.20 32.00 11.66
N PRO A 162 -11.33 31.36 11.33
CA PRO A 162 -12.25 31.75 10.28
C PRO A 162 -12.65 33.21 10.22
N ASP A 163 -13.10 33.75 11.36
CA ASP A 163 -13.61 35.12 11.42
C ASP A 163 -12.51 36.09 11.02
N LEU A 164 -11.34 35.90 11.62
CA LEU A 164 -10.23 36.79 11.42
C LEU A 164 -9.57 36.59 10.04
N VAL A 165 -9.69 35.40 9.47
CA VAL A 165 -9.26 35.20 8.09
C VAL A 165 -10.19 36.01 7.19
N ALA A 166 -11.49 35.94 7.46
CA ALA A 166 -12.45 36.79 6.74
C ALA A 166 -12.08 38.27 6.84
N ARG A 167 -11.71 38.73 8.03
CA ARG A 167 -11.40 40.16 8.26
C ARG A 167 -10.10 40.58 7.58
N SER A 168 -9.09 39.70 7.62
CA SER A 168 -7.87 39.87 6.84
C SER A 168 -8.16 40.08 5.35
N LEU A 169 -9.02 39.25 4.79
CA LEU A 169 -9.38 39.34 3.38
C LEU A 169 -10.07 40.65 3.04
N ALA A 170 -10.89 41.14 3.95
CA ALA A 170 -11.64 42.37 3.75
C ALA A 170 -10.75 43.58 3.87
N GLU A 171 -9.80 43.54 4.79
CA GLU A 171 -9.06 44.74 5.11
C GLU A 171 -7.73 44.83 4.38
N VAL A 172 -7.08 43.69 4.17
CA VAL A 172 -5.80 43.64 3.49
C VAL A 172 -5.96 43.25 2.00
N GLY A 173 -7.01 42.51 1.68
CA GLY A 173 -7.21 41.97 0.35
C GLY A 173 -6.70 40.56 0.21
N ILE A 174 -6.02 40.05 1.25
CA ILE A 174 -5.50 38.68 1.28
C ILE A 174 -5.78 38.02 2.64
N GLY A 175 -6.15 36.74 2.60
CA GLY A 175 -6.27 35.88 3.80
C GLY A 175 -5.48 34.57 3.68
N PHE A 176 -4.96 34.09 4.82
CA PHE A 176 -4.20 32.83 4.83
C PHE A 176 -4.84 31.79 5.71
N CYS A 177 -5.30 30.71 5.09
CA CYS A 177 -5.88 29.57 5.81
C CYS A 177 -4.82 28.49 6.02
N PHE A 178 -4.47 28.31 7.29
CA PHE A 178 -3.46 27.37 7.69
C PHE A 178 -4.15 26.05 7.87
N ALA A 179 -3.77 25.06 7.08
CA ALA A 179 -4.53 23.83 7.03
C ALA A 179 -4.72 23.16 8.42
N PRO A 180 -3.64 23.02 9.19
CA PRO A 180 -3.89 22.39 10.52
C PRO A 180 -4.97 23.11 11.36
N ARG A 181 -5.06 24.42 11.21
CA ARG A 181 -6.11 25.20 11.87
C ARG A 181 -7.56 24.93 11.41
N PHE A 182 -7.76 24.67 10.12
CA PHE A 182 -9.12 24.50 9.57
C PHE A 182 -9.56 23.05 9.45
N HIS A 183 -8.57 22.15 9.47
CA HIS A 183 -8.78 20.72 9.29
C HIS A 183 -8.22 19.93 10.48
N PRO A 184 -8.71 20.21 11.69
CA PRO A 184 -8.12 19.51 12.84
C PRO A 184 -8.32 18.00 12.76
N SER A 185 -9.43 17.57 12.17
CA SER A 185 -9.71 16.14 12.03
C SER A 185 -8.80 15.39 11.02
N TYR A 186 -8.00 16.12 10.24
CA TYR A 186 -6.92 15.52 9.45
C TYR A 186 -5.73 14.98 10.33
N ARG A 187 -5.67 15.42 11.58
CA ARG A 187 -4.58 15.02 12.51
C ARG A 187 -4.25 13.52 12.48
N HIS A 188 -5.28 12.68 12.39
CA HIS A 188 -5.09 11.24 12.42
C HIS A 188 -4.32 10.78 11.18
N ALA A 189 -4.67 11.34 10.02
CA ALA A 189 -4.01 10.96 8.77
C ALA A 189 -2.63 11.60 8.64
N ALA A 190 -2.41 12.74 9.32
CA ALA A 190 -1.16 13.50 9.20
C ALA A 190 0.04 12.73 9.69
N ALA A 191 -0.06 12.26 10.94
CA ALA A 191 1.04 11.56 11.59
C ALA A 191 1.36 10.29 10.82
N VAL A 192 0.32 9.53 10.49
CA VAL A 192 0.43 8.26 9.76
C VAL A 192 1.16 8.44 8.44
N LEU A 193 0.75 9.44 7.66
CA LEU A 193 1.31 9.64 6.31
C LEU A 193 2.75 10.10 6.32
N ARG A 194 3.09 10.90 7.33
CA ARG A 194 4.47 11.30 7.59
C ARG A 194 5.36 10.07 7.80
N GLU A 195 4.87 9.07 8.53
CA GLU A 195 5.67 7.87 8.86
C GLU A 195 6.02 7.03 7.64
N ILE A 196 5.18 7.00 6.62
CA ILE A 196 5.50 6.17 5.47
C ILE A 196 6.51 6.89 4.57
N GLY A 197 6.57 8.21 4.68
CA GLY A 197 7.60 9.02 4.04
C GLY A 197 7.60 9.08 2.51
N VAL A 198 6.56 8.55 1.88
CA VAL A 198 6.47 8.52 0.43
C VAL A 198 5.20 9.30 0.08
N PRO A 199 5.17 9.96 -1.09
CA PRO A 199 3.94 10.68 -1.46
C PRO A 199 2.84 9.75 -1.96
N THR A 200 1.61 10.06 -1.57
CA THR A 200 0.45 9.27 -1.94
C THR A 200 -0.61 10.19 -2.55
N VAL A 201 -1.76 9.61 -2.87
CA VAL A 201 -2.91 10.39 -3.30
C VAL A 201 -3.28 11.46 -2.25
N PHE A 202 -2.96 11.21 -0.98
CA PHE A 202 -3.24 12.21 0.04
C PHE A 202 -2.48 13.50 -0.17
N ASN A 203 -1.32 13.42 -0.80
CA ASN A 203 -0.57 14.63 -1.09
C ASN A 203 -1.30 15.56 -2.06
N LEU A 204 -2.41 15.11 -2.64
CA LEU A 204 -3.23 15.96 -3.48
C LEU A 204 -4.24 16.79 -2.72
N LEU A 205 -4.57 16.43 -1.50
CA LEU A 205 -5.72 17.03 -0.84
C LEU A 205 -5.55 18.50 -0.44
N GLY A 206 -4.35 18.88 -0.02
CA GLY A 206 -4.10 20.25 0.40
C GLY A 206 -4.69 21.26 -0.58
N PRO A 207 -4.34 21.12 -1.87
CA PRO A 207 -4.85 22.14 -2.77
C PRO A 207 -6.32 21.94 -3.10
N LEU A 208 -6.90 20.79 -2.81
CA LEU A 208 -8.30 20.55 -3.06
C LEU A 208 -9.18 20.84 -1.86
N THR A 209 -8.60 21.27 -0.73
CA THR A 209 -9.38 21.43 0.48
C THR A 209 -9.25 22.81 1.08
N ASN A 210 -9.09 23.83 0.26
CA ASN A 210 -9.09 25.18 0.77
C ASN A 210 -10.48 25.42 1.38
N PRO A 211 -10.51 25.71 2.71
CA PRO A 211 -11.77 25.80 3.45
C PRO A 211 -12.68 26.93 2.98
N ALA A 212 -12.09 28.01 2.51
CA ALA A 212 -12.85 29.11 1.88
C ALA A 212 -13.49 28.76 0.51
N ARG A 213 -13.15 27.58 -0.05
CA ARG A 213 -13.69 27.12 -1.32
C ARG A 213 -13.75 28.22 -2.36
N PRO A 214 -12.60 28.80 -2.70
CA PRO A 214 -12.57 29.78 -3.76
C PRO A 214 -12.69 29.09 -5.12
N ARG A 215 -13.35 29.75 -6.07
CA ARG A 215 -13.74 29.09 -7.32
C ARG A 215 -12.64 29.15 -8.34
N ALA A 216 -11.60 29.94 -8.06
CA ALA A 216 -10.46 30.01 -8.96
C ALA A 216 -9.12 29.76 -8.27
N GLY A 217 -8.13 29.40 -9.06
CA GLY A 217 -6.78 29.26 -8.56
C GLY A 217 -5.75 28.83 -9.58
N LEU A 218 -4.49 29.00 -9.19
CA LEU A 218 -3.34 28.41 -9.84
C LEU A 218 -2.80 27.36 -8.90
N ILE A 219 -2.90 26.12 -9.33
CA ILE A 219 -2.69 24.96 -8.50
C ILE A 219 -1.49 24.14 -8.99
N GLY A 220 -0.49 24.00 -8.13
CA GLY A 220 0.76 23.34 -8.48
C GLY A 220 0.71 21.88 -8.13
N CYS A 221 1.26 21.03 -9.00
CA CYS A 221 1.28 19.59 -8.79
C CYS A 221 2.66 19.06 -9.12
N ALA A 222 3.28 18.41 -8.14
CA ALA A 222 4.64 17.89 -8.26
C ALA A 222 4.70 16.61 -9.07
N PHE A 223 3.56 15.93 -9.18
CA PHE A 223 3.44 14.60 -9.76
C PHE A 223 2.70 14.70 -11.10
N ALA A 224 3.46 14.52 -12.16
CA ALA A 224 2.94 14.66 -13.53
C ALA A 224 1.82 13.70 -13.82
N ASP A 225 1.83 12.54 -13.16
CA ASP A 225 0.84 11.49 -13.38
C ASP A 225 -0.45 11.63 -12.56
N LEU A 226 -0.47 12.52 -11.56
CA LEU A 226 -1.68 12.73 -10.77
C LEU A 226 -2.34 14.07 -11.07
N ALA A 227 -1.69 14.89 -11.89
CA ALA A 227 -2.14 16.25 -12.10
C ALA A 227 -3.45 16.33 -12.86
N GLU A 228 -3.66 15.41 -13.81
CA GLU A 228 -4.92 15.31 -14.56
C GLU A 228 -6.12 14.97 -13.67
N VAL A 229 -5.91 14.10 -12.69
CA VAL A 229 -6.94 13.77 -11.70
C VAL A 229 -7.34 15.01 -10.87
N MET A 230 -6.36 15.78 -10.42
CA MET A 230 -6.67 17.04 -9.69
C MET A 230 -7.53 17.96 -10.56
N ALA A 231 -7.12 18.16 -11.81
CA ALA A 231 -7.91 18.94 -12.75
C ALA A 231 -9.33 18.37 -12.83
N GLY A 232 -9.44 17.06 -12.99
CA GLY A 232 -10.76 16.41 -12.92
C GLY A 232 -11.58 16.83 -11.70
N VAL A 233 -10.98 16.79 -10.53
CA VAL A 233 -11.71 17.18 -9.30
C VAL A 233 -12.17 18.63 -9.42
N PHE A 234 -11.29 19.52 -9.83
CA PHE A 234 -11.64 20.93 -10.00
C PHE A 234 -12.71 21.10 -11.06
N ALA A 235 -12.61 20.33 -12.15
CA ALA A 235 -13.61 20.45 -13.25
C ALA A 235 -15.02 20.14 -12.74
N ALA A 236 -15.14 19.09 -11.92
CA ALA A 236 -16.41 18.70 -11.29
C ALA A 236 -17.07 19.80 -10.46
N ARG A 237 -16.25 20.61 -9.76
CA ARG A 237 -16.73 21.79 -9.00
C ARG A 237 -17.01 23.02 -9.86
N ARG A 238 -16.67 22.97 -11.14
CA ARG A 238 -16.84 24.12 -12.03
C ARG A 238 -16.02 25.34 -11.61
N SER A 239 -14.78 25.07 -11.24
CA SER A 239 -13.82 26.10 -10.97
C SER A 239 -13.06 26.47 -12.23
N SER A 240 -12.62 27.72 -12.28
CA SER A 240 -11.61 28.15 -13.22
C SER A 240 -10.23 28.01 -12.59
N VAL A 241 -9.50 26.97 -13.00
CA VAL A 241 -8.22 26.64 -12.43
C VAL A 241 -7.22 26.19 -13.48
N LEU A 242 -5.97 26.65 -13.40
CA LEU A 242 -4.85 26.02 -14.08
C LEU A 242 -4.04 25.17 -13.12
N VAL A 243 -4.00 23.88 -13.43
CA VAL A 243 -3.17 22.94 -12.74
C VAL A 243 -1.89 22.85 -13.54
N VAL A 244 -0.80 23.10 -12.85
CA VAL A 244 0.49 23.26 -13.46
C VAL A 244 1.56 22.33 -12.87
N HIS A 245 2.43 21.88 -13.76
CA HIS A 245 3.56 21.03 -13.45
C HIS A 245 4.64 21.47 -14.37
N GLY A 246 5.72 21.98 -13.80
CA GLY A 246 6.93 22.26 -14.54
C GLY A 246 7.52 20.99 -15.13
N ASP A 247 7.96 21.03 -16.39
CA ASP A 247 8.54 19.84 -17.04
C ASP A 247 9.94 19.54 -16.48
N ASP A 248 10.47 20.46 -15.69
CA ASP A 248 11.59 20.22 -14.79
C ASP A 248 11.19 19.64 -13.42
N GLY A 249 9.91 19.34 -13.22
CA GLY A 249 9.44 18.78 -11.95
C GLY A 249 8.91 19.77 -10.90
N LEU A 250 8.89 21.05 -11.22
CA LEU A 250 8.36 22.06 -10.29
C LEU A 250 6.84 21.98 -10.13
N ASP A 251 6.35 22.15 -8.91
CA ASP A 251 4.92 22.29 -8.69
C ASP A 251 4.49 23.73 -8.84
N GLU A 252 5.09 24.42 -9.82
CA GLU A 252 4.82 25.81 -10.16
C GLU A 252 5.00 25.93 -11.67
N LEU A 253 4.62 27.06 -12.25
CA LEU A 253 5.08 27.39 -13.59
C LEU A 253 6.56 27.71 -13.49
N THR A 254 7.37 27.01 -14.28
CA THR A 254 8.80 27.21 -14.27
C THR A 254 9.23 28.26 -15.29
N THR A 255 10.48 28.71 -15.12
CA THR A 255 11.16 29.55 -16.09
C THR A 255 12.35 28.85 -16.77
N THR A 256 12.74 27.69 -16.25
CA THR A 256 13.89 26.96 -16.77
C THR A 256 13.55 26.20 -18.04
N THR A 257 12.26 25.94 -18.25
CA THR A 257 11.81 25.16 -19.38
C THR A 257 10.30 25.42 -19.61
N THR A 258 9.63 24.51 -20.28
CA THR A 258 8.19 24.60 -20.49
C THR A 258 7.45 24.02 -19.29
N SER A 259 6.15 24.27 -19.22
CA SER A 259 5.28 23.68 -18.20
C SER A 259 4.03 23.12 -18.83
N THR A 260 3.59 21.97 -18.34
CA THR A 260 2.30 21.39 -18.67
C THR A 260 1.18 22.03 -17.86
N ILE A 261 0.09 22.36 -18.53
CA ILE A 261 -1.06 23.00 -17.94
C ILE A 261 -2.31 22.25 -18.28
N TRP A 262 -2.98 21.77 -17.25
CA TRP A 262 -4.33 21.27 -17.40
C TRP A 262 -5.23 22.44 -17.05
N ARG A 263 -5.80 23.05 -18.09
CA ARG A 263 -6.66 24.19 -17.91
C ARG A 263 -8.05 23.67 -17.64
N VAL A 264 -8.67 24.18 -16.59
CA VAL A 264 -9.98 23.75 -16.13
C VAL A 264 -10.94 24.93 -16.28
N ALA A 265 -12.00 24.73 -17.05
CA ALA A 265 -12.90 25.81 -17.40
C ALA A 265 -14.21 25.20 -17.90
N ALA A 266 -15.33 25.76 -17.44
CA ALA A 266 -16.66 25.29 -17.85
C ALA A 266 -16.82 23.76 -17.73
N GLY A 267 -16.26 23.18 -16.67
CA GLY A 267 -16.44 21.77 -16.38
C GLY A 267 -15.64 20.80 -17.24
N SER A 268 -14.83 21.33 -18.18
CA SER A 268 -13.95 20.48 -18.98
C SER A 268 -12.48 20.77 -18.69
N VAL A 269 -11.64 19.77 -18.91
CA VAL A 269 -10.20 19.86 -18.74
C VAL A 269 -9.55 19.87 -20.11
N ASP A 270 -8.47 20.64 -20.25
CA ASP A 270 -7.85 20.84 -21.55
C ASP A 270 -6.32 20.91 -21.39
N LYS A 271 -5.61 19.91 -21.89
CA LYS A 271 -4.16 19.86 -21.71
C LYS A 271 -3.40 20.76 -22.69
N LEU A 272 -2.47 21.54 -22.13
CA LEU A 272 -1.63 22.49 -22.85
C LEU A 272 -0.17 22.38 -22.44
N THR A 273 0.69 22.90 -23.29
CA THR A 273 2.10 23.06 -22.96
C THR A 273 2.36 24.55 -23.02
N PHE A 274 3.17 25.04 -22.10
CA PHE A 274 3.32 26.46 -21.93
C PHE A 274 4.77 26.83 -22.01
N ASP A 275 5.06 27.87 -22.78
CA ASP A 275 6.43 28.30 -22.94
C ASP A 275 6.61 29.78 -22.68
N PRO A 276 7.29 30.14 -21.56
CA PRO A 276 7.63 31.54 -21.22
C PRO A 276 8.31 32.34 -22.36
N ALA A 277 9.20 31.68 -23.10
CA ALA A 277 9.88 32.31 -24.23
C ALA A 277 8.94 33.14 -25.09
N GLY A 278 7.71 32.65 -25.27
CA GLY A 278 6.68 33.37 -26.03
C GLY A 278 6.26 34.73 -25.48
N PHE A 279 6.40 34.93 -24.18
CA PHE A 279 6.13 36.23 -23.57
C PHE A 279 7.44 36.88 -23.14
N GLY A 280 8.52 36.48 -23.81
CA GLY A 280 9.80 37.15 -23.69
C GLY A 280 10.68 36.74 -22.54
N PHE A 281 10.35 35.65 -21.84
CA PHE A 281 11.12 35.26 -20.65
C PHE A 281 12.38 34.47 -20.97
N ALA A 282 13.52 34.93 -20.47
CA ALA A 282 14.76 34.17 -20.58
C ALA A 282 14.66 32.84 -19.84
N ARG A 283 15.32 31.82 -20.38
CA ARG A 283 15.48 30.55 -19.68
C ARG A 283 16.41 30.73 -18.48
N ALA A 284 16.00 30.20 -17.33
CA ALA A 284 16.76 30.24 -16.08
C ALA A 284 17.25 28.84 -15.72
N GLN A 285 18.12 28.75 -14.73
CA GLN A 285 18.65 27.48 -14.26
C GLN A 285 18.04 27.20 -12.91
N LEU A 286 17.76 25.93 -12.65
CA LEU A 286 17.00 25.57 -11.47
C LEU A 286 17.65 26.10 -10.19
N ASP A 287 18.98 26.05 -10.10
CA ASP A 287 19.69 26.51 -8.91
C ASP A 287 19.53 28.04 -8.64
N GLN A 288 19.08 28.80 -9.65
CA GLN A 288 18.78 30.23 -9.46
C GLN A 288 17.47 30.47 -8.69
N LEU A 289 16.54 29.52 -8.79
CA LEU A 289 15.27 29.57 -8.06
C LEU A 289 15.36 28.90 -6.69
N ALA A 290 16.56 28.49 -6.30
CA ALA A 290 16.75 27.72 -5.07
C ALA A 290 16.69 28.64 -3.86
N GLY A 291 16.33 28.06 -2.72
CA GLY A 291 16.15 28.81 -1.48
C GLY A 291 16.66 28.05 -0.28
N GLY A 292 16.50 28.66 0.89
CA GLY A 292 17.04 28.13 2.14
C GLY A 292 15.99 27.99 3.21
N ASP A 293 16.40 28.31 4.44
CA ASP A 293 15.51 28.22 5.60
C ASP A 293 14.53 29.38 5.60
N ALA A 294 13.66 29.43 6.60
CA ALA A 294 12.58 30.41 6.65
C ALA A 294 13.06 31.86 6.61
N GLN A 295 14.20 32.16 7.24
CA GLN A 295 14.77 33.51 7.22
C GLN A 295 15.33 33.87 5.85
N ALA A 296 16.02 32.90 5.25
CA ALA A 296 16.57 33.09 3.91
C ALA A 296 15.44 33.30 2.89
N ASN A 297 14.41 32.46 2.98
CA ASN A 297 13.25 32.58 2.10
C ASN A 297 12.45 33.85 2.36
N ALA A 298 12.45 34.35 3.60
CA ALA A 298 11.80 35.64 3.87
C ALA A 298 12.58 36.80 3.25
N ALA A 299 13.91 36.72 3.27
CA ALA A 299 14.73 37.75 2.62
C ALA A 299 14.51 37.78 1.10
N ALA A 300 14.21 36.64 0.51
CA ALA A 300 13.96 36.57 -0.93
C ALA A 300 12.62 37.24 -1.31
N VAL A 301 11.63 37.13 -0.43
CA VAL A 301 10.35 37.81 -0.62
C VAL A 301 10.53 39.32 -0.51
N ARG A 302 11.24 39.77 0.52
CA ARG A 302 11.59 41.21 0.64
C ARG A 302 12.42 41.73 -0.57
N ALA A 303 13.36 40.94 -1.03
CA ALA A 303 14.15 41.32 -2.20
C ALA A 303 13.22 41.53 -3.41
N VAL A 304 12.35 40.56 -3.69
CA VAL A 304 11.47 40.60 -4.87
C VAL A 304 10.43 41.71 -4.78
N LEU A 305 9.76 41.79 -3.65
CA LEU A 305 8.76 42.81 -3.45
C LEU A 305 9.40 44.16 -3.40
N GLY A 306 10.70 44.19 -3.14
CA GLY A 306 11.48 45.41 -3.17
C GLY A 306 11.96 45.89 -4.52
N GLY A 307 11.79 45.07 -5.56
CA GLY A 307 12.17 45.48 -6.90
C GLY A 307 13.45 44.86 -7.43
N ALA A 308 13.98 43.83 -6.75
CA ALA A 308 15.15 43.14 -7.29
C ALA A 308 14.79 42.44 -8.61
N ARG A 309 15.47 42.81 -9.69
CA ARG A 309 15.28 42.14 -11.00
C ARG A 309 16.03 40.81 -10.97
N GLY A 310 15.58 39.87 -11.78
CA GLY A 310 16.28 38.58 -11.88
C GLY A 310 15.37 37.39 -12.05
N PRO A 311 15.95 36.20 -11.93
CA PRO A 311 15.13 35.03 -12.24
C PRO A 311 14.01 34.78 -11.22
N VAL A 312 14.24 35.08 -9.94
CA VAL A 312 13.21 34.82 -8.94
C VAL A 312 11.99 35.65 -9.28
N ARG A 313 12.20 36.96 -9.39
CA ARG A 313 11.17 37.90 -9.84
C ARG A 313 10.43 37.36 -11.05
N ASP A 314 11.21 36.93 -12.04
CA ASP A 314 10.66 36.40 -13.29
C ASP A 314 9.64 35.33 -13.01
N ALA A 315 10.03 34.32 -12.26
CA ALA A 315 9.13 33.24 -11.87
C ALA A 315 7.92 33.69 -11.04
N VAL A 316 8.10 34.68 -10.16
CA VAL A 316 6.98 35.23 -9.39
C VAL A 316 5.96 35.89 -10.32
N VAL A 317 6.43 36.85 -11.11
CA VAL A 317 5.57 37.51 -12.11
C VAL A 317 4.84 36.48 -12.97
N LEU A 318 5.54 35.42 -13.33
CA LEU A 318 4.98 34.46 -14.27
C LEU A 318 3.80 33.74 -13.66
N ASN A 319 4.02 33.16 -12.49
CA ASN A 319 2.95 32.51 -11.73
C ASN A 319 1.80 33.44 -11.35
N ALA A 320 2.13 34.66 -10.96
CA ALA A 320 1.12 35.64 -10.58
C ALA A 320 0.17 35.93 -11.73
N ALA A 321 0.73 36.13 -12.93
CA ALA A 321 -0.10 36.24 -14.15
C ALA A 321 -0.96 35.01 -14.28
N GLY A 322 -0.34 33.85 -14.10
CA GLY A 322 -1.05 32.58 -14.11
C GLY A 322 -2.32 32.58 -13.29
N ALA A 323 -2.19 32.96 -12.01
CA ALA A 323 -3.37 33.05 -11.17
C ALA A 323 -4.33 34.11 -11.72
N ILE A 324 -3.82 35.24 -12.16
CA ILE A 324 -4.71 36.27 -12.72
C ILE A 324 -5.46 35.76 -13.97
N VAL A 325 -4.83 34.88 -14.75
CA VAL A 325 -5.49 34.23 -15.87
C VAL A 325 -6.61 33.29 -15.41
N ALA A 326 -6.34 32.46 -14.39
CA ALA A 326 -7.42 31.65 -13.80
C ALA A 326 -8.56 32.51 -13.32
N HIS A 327 -8.26 33.71 -12.84
CA HIS A 327 -9.29 34.59 -12.30
C HIS A 327 -10.15 35.13 -13.45
N ALA A 328 -9.49 35.56 -14.50
CA ALA A 328 -10.17 35.97 -15.72
C ALA A 328 -11.13 34.88 -16.19
N GLY A 329 -10.70 33.62 -16.03
CA GLY A 329 -11.43 32.46 -16.52
C GLY A 329 -12.73 32.13 -15.82
N LEU A 330 -13.05 32.87 -14.77
CA LEU A 330 -14.38 32.79 -14.17
C LEU A 330 -15.42 33.29 -15.17
N SER A 331 -15.06 34.28 -15.97
CA SER A 331 -15.93 34.73 -17.06
C SER A 331 -15.63 33.96 -18.35
N SER A 332 -16.64 33.30 -18.91
CA SER A 332 -16.55 32.77 -20.28
C SER A 332 -16.40 33.94 -21.28
N ARG A 333 -15.85 33.64 -22.46
CA ARG A 333 -15.46 34.69 -23.42
C ARG A 333 -14.22 35.48 -22.95
N ALA A 334 -13.41 34.89 -22.07
CA ALA A 334 -12.05 35.35 -21.83
C ALA A 334 -11.15 34.58 -22.78
N GLU A 335 -10.23 35.28 -23.43
CA GLU A 335 -9.31 34.66 -24.38
C GLU A 335 -7.92 34.46 -23.74
N TRP A 336 -7.29 33.33 -24.06
CA TRP A 336 -6.00 32.88 -23.49
C TRP A 336 -4.87 33.89 -23.54
N LEU A 337 -4.54 34.35 -24.74
CA LEU A 337 -3.40 35.25 -24.92
C LEU A 337 -3.62 36.64 -24.27
N PRO A 338 -4.70 37.32 -24.64
CA PRO A 338 -4.88 38.62 -23.96
C PRO A 338 -4.99 38.52 -22.44
N ALA A 339 -5.42 37.39 -21.91
CA ALA A 339 -5.57 37.20 -20.47
C ALA A 339 -4.21 37.02 -19.81
N TRP A 340 -3.31 36.30 -20.48
CA TRP A 340 -1.93 36.22 -20.05
C TRP A 340 -1.22 37.57 -20.13
N GLU A 341 -1.41 38.25 -21.24
CA GLU A 341 -0.78 39.55 -21.43
C GLU A 341 -1.24 40.53 -20.38
N GLU A 342 -2.56 40.62 -20.18
CA GLU A 342 -3.11 41.44 -19.13
C GLU A 342 -2.55 41.00 -17.74
N GLY A 343 -2.41 39.69 -17.54
CA GLY A 343 -1.91 39.14 -16.29
C GLY A 343 -0.48 39.52 -15.99
N LEU A 344 0.35 39.51 -17.02
CA LEU A 344 1.76 39.94 -16.91
C LEU A 344 1.91 41.44 -16.64
N ARG A 345 1.07 42.25 -17.27
CA ARG A 345 1.11 43.68 -17.00
C ARG A 345 0.79 43.98 -15.54
N ARG A 346 -0.21 43.30 -15.00
CA ARG A 346 -0.75 43.60 -13.69
C ARG A 346 0.17 43.06 -12.59
N ALA A 347 0.78 41.92 -12.84
CA ALA A 347 1.71 41.33 -11.89
C ALA A 347 2.93 42.22 -11.76
N SER A 348 3.46 42.62 -12.91
CA SER A 348 4.62 43.50 -12.93
C SER A 348 4.37 44.87 -12.32
N ALA A 349 3.23 45.45 -12.64
CA ALA A 349 2.85 46.72 -12.12
C ALA A 349 2.66 46.61 -10.58
N ALA A 350 1.89 45.65 -10.11
CA ALA A 350 1.76 45.35 -8.68
C ALA A 350 3.09 45.42 -7.88
N ILE A 351 4.16 44.86 -8.46
CA ILE A 351 5.48 44.96 -7.86
C ILE A 351 6.08 46.34 -7.98
N ASP A 352 6.15 46.84 -9.21
CA ASP A 352 6.86 48.08 -9.54
C ASP A 352 6.35 49.34 -8.85
N THR A 353 5.06 49.39 -8.59
CA THR A 353 4.45 50.58 -7.98
C THR A 353 4.62 50.57 -6.44
N GLY A 354 5.27 49.52 -5.91
CA GLY A 354 5.34 49.30 -4.47
C GLY A 354 4.11 48.67 -3.86
N ALA A 355 3.08 48.45 -4.68
CA ALA A 355 1.81 47.98 -4.14
C ALA A 355 1.93 46.64 -3.41
N ALA A 356 2.66 45.70 -4.00
CA ALA A 356 2.90 44.40 -3.37
C ALA A 356 3.72 44.55 -2.06
N GLU A 357 4.75 45.37 -2.10
CA GLU A 357 5.58 45.56 -0.93
C GLU A 357 4.78 46.19 0.23
N GLN A 358 3.84 47.04 -0.12
CA GLN A 358 3.00 47.72 0.85
C GLN A 358 1.94 46.85 1.45
N LEU A 359 1.35 45.99 0.62
CA LEU A 359 0.32 45.07 1.08
C LEU A 359 0.87 44.06 2.08
N LEU A 360 2.10 43.63 1.86
CA LEU A 360 2.74 42.78 2.82
C LEU A 360 2.86 43.51 4.17
N ALA A 361 3.34 44.75 4.16
CA ALA A 361 3.43 45.57 5.39
C ALA A 361 2.05 45.71 6.06
N ARG A 362 1.05 46.17 5.31
CA ARG A 362 -0.31 46.23 5.84
C ARG A 362 -0.74 44.90 6.42
N TRP A 363 -0.36 43.81 5.77
CA TRP A 363 -0.73 42.49 6.23
C TRP A 363 -0.11 42.18 7.63
N VAL A 364 1.17 42.45 7.79
CA VAL A 364 1.85 42.31 9.08
C VAL A 364 1.17 43.22 10.13
N ARG A 365 1.12 44.51 9.83
CA ARG A 365 0.40 45.48 10.66
C ARG A 365 -0.96 44.94 11.15
N PHE A 366 -1.73 44.33 10.25
CA PHE A 366 -3.06 43.83 10.60
C PHE A 366 -2.99 42.76 11.70
N GLY A 367 -1.97 41.91 11.63
CA GLY A 367 -1.78 40.83 12.58
C GLY A 367 -1.45 41.34 13.97
N ARG A 368 -0.47 42.25 14.04
CA ARG A 368 -0.03 42.83 15.30
C ARG A 368 -1.09 43.74 15.96
N GLN A 369 -2.11 44.12 15.19
CA GLN A 369 -3.19 44.98 15.68
C GLN A 369 -4.46 44.20 15.99
N ILE A 370 -4.34 42.92 16.34
CA ILE A 370 -5.46 42.15 16.89
C ILE A 370 -4.96 41.24 18.01
N VAL B 24 22.22 3.55 2.61
CA VAL B 24 21.99 3.14 1.19
C VAL B 24 20.55 2.63 1.00
N PRO B 25 20.06 1.72 1.89
CA PRO B 25 18.62 1.41 1.86
C PRO B 25 17.86 2.29 2.84
N SER B 26 16.58 2.51 2.56
CA SER B 26 15.69 3.27 3.44
C SER B 26 14.22 3.03 3.07
N TRP B 27 13.31 3.28 4.03
CA TRP B 27 11.88 3.05 3.79
C TRP B 27 11.33 3.88 2.63
N PRO B 28 11.63 5.18 2.63
CA PRO B 28 11.13 6.00 1.51
C PRO B 28 11.69 5.53 0.18
N GLN B 29 12.95 5.14 0.18
CA GLN B 29 13.55 4.66 -1.06
C GLN B 29 12.78 3.44 -1.56
N ILE B 30 12.60 2.48 -0.66
CA ILE B 30 11.98 1.21 -1.03
C ILE B 30 10.50 1.36 -1.37
N LEU B 31 9.75 2.06 -0.53
CA LEU B 31 8.33 2.27 -0.78
C LEU B 31 8.09 3.03 -2.08
N GLY B 32 8.89 4.08 -2.30
CA GLY B 32 8.81 4.87 -3.53
C GLY B 32 9.06 4.04 -4.79
N ARG B 33 10.02 3.14 -4.68
CA ARG B 33 10.37 2.26 -5.79
C ARG B 33 9.24 1.27 -6.09
N LEU B 34 8.64 0.72 -5.04
CA LEU B 34 7.46 -0.12 -5.17
C LEU B 34 6.27 0.65 -5.78
N THR B 35 5.98 1.86 -5.27
CA THR B 35 4.87 2.66 -5.82
C THR B 35 5.12 3.14 -7.25
N ASP B 36 6.36 3.06 -7.72
CA ASP B 36 6.68 3.36 -9.11
C ASP B 36 6.52 2.12 -10.00
N ASN B 37 5.99 1.02 -9.44
CA ASN B 37 5.88 -0.26 -10.14
C ASN B 37 7.21 -0.85 -10.61
N ARG B 38 8.22 -0.78 -9.74
CA ARG B 38 9.54 -1.32 -10.07
C ARG B 38 9.97 -2.40 -9.11
N ASP B 39 10.53 -3.48 -9.65
CA ASP B 39 11.12 -4.51 -8.83
C ASP B 39 12.16 -3.87 -7.91
N LEU B 40 12.30 -4.38 -6.70
CA LEU B 40 13.33 -3.89 -5.79
C LEU B 40 14.68 -4.37 -6.24
N ALA B 41 15.73 -3.60 -5.99
CA ALA B 41 17.09 -4.11 -6.08
C ALA B 41 17.26 -5.33 -5.17
N ARG B 42 18.14 -6.25 -5.55
CA ARG B 42 18.42 -7.39 -4.66
C ARG B 42 18.97 -6.83 -3.33
N GLY B 43 18.53 -7.39 -2.19
CA GLY B 43 18.89 -6.86 -0.86
C GLY B 43 17.82 -6.01 -0.19
N GLN B 44 17.04 -5.26 -0.97
CA GLN B 44 16.09 -4.31 -0.37
C GLN B 44 14.98 -5.02 0.37
N ALA B 45 14.28 -5.93 -0.31
CA ALA B 45 13.27 -6.73 0.36
C ALA B 45 13.77 -7.32 1.67
N ALA B 46 15.01 -7.84 1.65
CA ALA B 46 15.65 -8.40 2.85
C ALA B 46 15.81 -7.35 3.95
N TRP B 47 16.39 -6.20 3.61
CA TRP B 47 16.51 -5.06 4.53
C TRP B 47 15.16 -4.69 5.12
N ALA B 48 14.12 -4.63 4.27
CA ALA B 48 12.78 -4.26 4.75
C ALA B 48 12.24 -5.28 5.74
N MET B 49 12.44 -6.57 5.46
CA MET B 49 11.95 -7.59 6.38
C MET B 49 12.72 -7.56 7.69
N ASP B 50 14.02 -7.25 7.61
CA ASP B 50 14.91 -7.22 8.78
C ASP B 50 14.52 -6.03 9.68
N GLN B 51 14.12 -4.93 9.07
CA GLN B 51 13.65 -3.78 9.84
C GLN B 51 12.43 -4.16 10.65
N ILE B 52 11.47 -4.80 9.98
CA ILE B 52 10.28 -5.33 10.63
C ILE B 52 10.61 -6.32 11.75
N MET B 53 11.52 -7.26 11.46
CA MET B 53 11.89 -8.26 12.47
C MET B 53 12.52 -7.60 13.70
N THR B 54 13.46 -6.69 13.47
CA THR B 54 14.18 -6.07 14.58
C THR B 54 13.34 -5.07 15.38
N GLY B 55 12.08 -4.85 14.99
CA GLY B 55 11.23 -3.88 15.68
C GLY B 55 11.47 -2.45 15.23
N ASN B 56 12.23 -2.26 14.17
CA ASN B 56 12.61 -0.93 13.69
C ASN B 56 11.67 -0.40 12.60
N ALA B 57 10.41 -0.81 12.64
CA ALA B 57 9.44 -0.50 11.57
C ALA B 57 8.09 -0.06 12.12
N ARG B 58 7.72 1.18 11.81
CA ARG B 58 6.45 1.73 12.23
C ARG B 58 5.31 0.93 11.62
N PRO B 59 4.21 0.74 12.34
CA PRO B 59 3.12 -0.04 11.75
C PRO B 59 2.56 0.52 10.42
N ALA B 60 2.84 1.78 10.12
CA ALA B 60 2.46 2.39 8.86
C ALA B 60 3.38 1.93 7.72
N GLN B 61 4.67 1.83 8.01
CA GLN B 61 5.62 1.34 7.03
C GLN B 61 5.39 -0.15 6.69
N ILE B 62 5.07 -0.96 7.71
CA ILE B 62 4.75 -2.38 7.52
C ILE B 62 3.58 -2.54 6.59
N ALA B 63 2.55 -1.73 6.88
CA ALA B 63 1.34 -1.76 6.08
C ALA B 63 1.59 -1.34 4.61
N ALA B 64 2.29 -0.22 4.40
CA ALA B 64 2.59 0.24 3.04
C ALA B 64 3.37 -0.80 2.23
N PHE B 65 4.42 -1.31 2.83
CA PHE B 65 5.28 -2.30 2.22
C PHE B 65 4.47 -3.51 1.82
N ALA B 66 3.68 -4.01 2.77
CA ALA B 66 2.89 -5.21 2.54
C ALA B 66 1.95 -5.04 1.35
N VAL B 67 1.21 -3.93 1.30
CA VAL B 67 0.31 -3.63 0.16
C VAL B 67 1.01 -3.39 -1.17
N ALA B 68 2.09 -2.64 -1.11
CA ALA B 68 2.80 -2.23 -2.31
C ALA B 68 3.56 -3.39 -2.93
N MET B 69 4.09 -4.26 -2.08
CA MET B 69 4.76 -5.47 -2.52
C MET B 69 3.78 -6.39 -3.22
N THR B 70 2.51 -6.26 -2.84
CA THR B 70 1.47 -7.07 -3.42
C THR B 70 0.98 -6.51 -4.77
N MET B 71 0.70 -5.22 -4.83
CA MET B 71 0.11 -4.65 -6.04
C MET B 71 1.13 -4.60 -7.18
N LYS B 72 2.38 -4.29 -6.81
CA LYS B 72 3.54 -4.48 -7.68
C LYS B 72 3.76 -5.97 -7.64
N ALA B 73 3.59 -6.66 -8.76
CA ALA B 73 3.65 -8.14 -8.71
C ALA B 73 5.00 -8.62 -8.14
N PRO B 74 4.98 -9.35 -7.02
CA PRO B 74 6.26 -9.69 -6.36
C PRO B 74 6.95 -10.86 -7.03
N THR B 75 8.28 -10.83 -7.02
CA THR B 75 9.10 -11.80 -7.75
C THR B 75 9.61 -12.86 -6.78
N ALA B 76 10.09 -13.98 -7.32
CA ALA B 76 10.61 -15.05 -6.49
C ALA B 76 11.74 -14.62 -5.56
N ASP B 77 12.65 -13.80 -6.10
CA ASP B 77 13.81 -13.29 -5.35
C ASP B 77 13.35 -12.51 -4.12
N GLU B 78 12.43 -11.58 -4.36
CA GLU B 78 11.88 -10.74 -3.31
C GLU B 78 11.21 -11.58 -2.25
N VAL B 79 10.33 -12.49 -2.67
CA VAL B 79 9.66 -13.35 -1.72
C VAL B 79 10.69 -14.20 -0.95
N GLY B 80 11.65 -14.75 -1.72
CA GLY B 80 12.77 -15.49 -1.18
C GLY B 80 13.57 -14.72 -0.15
N GLU B 81 13.77 -13.43 -0.38
CA GLU B 81 14.47 -12.58 0.58
C GLU B 81 13.66 -12.39 1.89
N LEU B 82 12.36 -12.21 1.76
CA LEU B 82 11.49 -12.09 2.93
C LEU B 82 11.49 -13.37 3.79
N ALA B 83 11.30 -14.50 3.14
CA ALA B 83 11.33 -15.80 3.83
C ALA B 83 12.69 -16.07 4.49
N GLY B 84 13.77 -15.74 3.76
CA GLY B 84 15.13 -15.86 4.28
C GLY B 84 15.36 -15.07 5.55
N VAL B 85 14.97 -13.80 5.53
CA VAL B 85 15.24 -12.93 6.66
C VAL B 85 14.45 -13.44 7.84
N MET B 86 13.23 -13.84 7.57
CA MET B 86 12.36 -14.38 8.60
C MET B 86 13.00 -15.62 9.21
N LEU B 87 13.54 -16.46 8.34
CA LEU B 87 14.12 -17.71 8.79
C LEU B 87 15.37 -17.48 9.61
N SER B 88 16.09 -16.41 9.33
CA SER B 88 17.34 -16.15 10.02
C SER B 88 17.09 -15.59 11.44
N HIS B 89 15.87 -15.14 11.72
CA HIS B 89 15.44 -14.75 13.07
C HIS B 89 14.69 -15.84 13.79
N ALA B 90 14.32 -16.91 13.08
CA ALA B 90 13.51 -18.00 13.69
C ALA B 90 14.34 -18.91 14.59
N HIS B 91 13.65 -19.56 15.54
CA HIS B 91 14.28 -20.56 16.39
C HIS B 91 14.48 -21.79 15.53
N PRO B 92 15.69 -22.35 15.51
CA PRO B 92 15.89 -23.59 14.78
C PRO B 92 15.47 -24.80 15.60
N LEU B 93 15.37 -25.94 14.93
CA LEU B 93 15.29 -27.22 15.66
C LEU B 93 16.72 -27.63 15.95
N PRO B 94 16.95 -28.42 17.03
CA PRO B 94 18.32 -28.83 17.37
C PRO B 94 19.02 -29.56 16.24
N ALA B 95 20.34 -29.45 16.17
CA ALA B 95 21.12 -30.11 15.11
C ALA B 95 20.83 -31.60 14.97
N ASP B 96 20.74 -32.07 13.72
CA ASP B 96 20.58 -33.50 13.39
C ASP B 96 19.29 -34.19 13.94
N THR B 97 18.22 -33.43 14.20
CA THR B 97 16.95 -34.02 14.61
C THR B 97 15.89 -34.05 13.50
N VAL B 98 16.08 -33.28 12.43
CA VAL B 98 15.13 -33.31 11.33
C VAL B 98 15.66 -34.26 10.26
N PRO B 99 14.99 -35.40 10.05
CA PRO B 99 15.47 -36.23 8.95
C PRO B 99 15.62 -35.42 7.65
N ASP B 100 16.62 -35.80 6.88
CA ASP B 100 16.99 -35.18 5.61
C ASP B 100 15.86 -35.24 4.56
N ASP B 101 14.91 -36.15 4.75
CA ASP B 101 13.83 -36.39 3.80
C ASP B 101 12.43 -36.03 4.36
N ALA B 102 12.37 -35.14 5.35
CA ALA B 102 11.06 -34.75 5.91
C ALA B 102 10.26 -33.97 4.89
N VAL B 103 8.94 -33.99 5.02
CA VAL B 103 8.09 -33.20 4.17
C VAL B 103 7.14 -32.33 4.95
N ASP B 104 6.65 -31.31 4.28
CA ASP B 104 5.62 -30.46 4.81
C ASP B 104 4.37 -30.69 3.98
N VAL B 105 3.21 -30.57 4.63
CA VAL B 105 1.92 -30.61 3.95
C VAL B 105 1.13 -29.43 4.47
N VAL B 106 0.87 -28.46 3.61
CA VAL B 106 0.33 -27.18 4.02
C VAL B 106 -0.17 -26.38 2.82
N GLY B 107 -1.06 -25.42 3.10
CA GLY B 107 -1.52 -24.44 2.10
C GLY B 107 -1.43 -23.01 2.55
N THR B 108 -1.47 -22.09 1.58
CA THR B 108 -1.46 -20.67 1.87
C THR B 108 -2.73 -20.26 2.57
N GLY B 109 -3.80 -21.02 2.35
CA GLY B 109 -5.11 -20.62 2.82
C GLY B 109 -5.66 -19.54 1.91
N GLY B 110 -6.43 -18.61 2.50
CA GLY B 110 -7.17 -17.60 1.76
C GLY B 110 -7.99 -18.20 0.62
N ASP B 111 -8.53 -19.39 0.84
CA ASP B 111 -9.30 -20.12 -0.18
C ASP B 111 -10.60 -19.37 -0.54
N GLY B 112 -11.21 -18.76 0.47
CA GLY B 112 -12.49 -18.06 0.32
C GLY B 112 -13.64 -18.92 0.80
N THR B 115 -13.70 -25.17 3.78
CA THR B 115 -12.96 -26.40 3.54
C THR B 115 -13.17 -27.38 4.70
N VAL B 116 -12.75 -28.62 4.50
CA VAL B 116 -12.32 -29.50 5.60
C VAL B 116 -10.81 -29.31 5.61
N ASN B 117 -10.15 -29.47 6.75
CA ASN B 117 -8.70 -29.38 6.76
C ASN B 117 -8.13 -30.62 6.08
N LEU B 118 -8.06 -30.57 4.74
CA LEU B 118 -7.54 -31.66 3.94
C LEU B 118 -6.05 -31.83 4.22
N SER B 119 -5.35 -30.72 4.43
CA SER B 119 -3.93 -30.76 4.71
C SER B 119 -3.59 -31.52 5.97
N THR B 120 -4.31 -31.21 7.04
CA THR B 120 -4.13 -31.82 8.35
C THR B 120 -4.25 -33.34 8.28
N MET B 121 -5.33 -33.79 7.67
CA MET B 121 -5.55 -35.21 7.46
C MET B 121 -4.46 -35.80 6.57
N ALA B 122 -4.22 -35.15 5.43
CA ALA B 122 -3.24 -35.61 4.46
C ALA B 122 -1.88 -35.78 5.15
N ALA B 123 -1.59 -34.88 6.08
CA ALA B 123 -0.34 -34.91 6.87
C ALA B 123 -0.25 -36.10 7.81
N ILE B 124 -1.36 -36.44 8.43
CA ILE B 124 -1.39 -37.58 9.34
C ILE B 124 -1.20 -38.90 8.57
N VAL B 125 -1.80 -38.96 7.39
CA VAL B 125 -1.77 -40.17 6.58
C VAL B 125 -0.34 -40.41 6.08
N VAL B 126 0.28 -39.36 5.56
CA VAL B 126 1.64 -39.38 5.10
C VAL B 126 2.61 -39.88 6.18
N ALA B 127 2.49 -39.33 7.39
CA ALA B 127 3.39 -39.71 8.49
C ALA B 127 3.13 -41.15 8.88
N ALA B 128 1.85 -41.51 8.89
CA ALA B 128 1.43 -42.87 9.14
C ALA B 128 2.04 -43.89 8.18
N ALA B 129 2.30 -43.46 6.94
CA ALA B 129 2.92 -44.32 5.91
C ALA B 129 4.43 -44.38 6.08
N GLY B 130 4.98 -43.57 7.00
CA GLY B 130 6.39 -43.63 7.34
C GLY B 130 7.25 -42.54 6.72
N VAL B 131 6.63 -41.50 6.19
CA VAL B 131 7.37 -40.37 5.64
C VAL B 131 7.38 -39.34 6.73
N PRO B 132 8.55 -38.92 7.21
CA PRO B 132 8.47 -37.98 8.35
C PRO B 132 7.90 -36.63 7.90
N VAL B 133 7.00 -36.08 8.71
CA VAL B 133 6.27 -34.85 8.40
C VAL B 133 6.53 -33.83 9.50
N VAL B 134 7.02 -32.65 9.13
CA VAL B 134 7.04 -31.53 10.07
C VAL B 134 6.26 -30.37 9.46
N LYS B 135 5.22 -29.96 10.16
CA LYS B 135 4.25 -28.97 9.66
C LYS B 135 4.45 -27.63 10.31
N HIS B 136 4.07 -26.60 9.58
CA HIS B 136 4.17 -25.23 10.07
C HIS B 136 2.80 -24.64 9.91
N GLY B 137 2.40 -23.82 10.88
CA GLY B 137 1.08 -23.25 10.83
C GLY B 137 0.74 -22.34 11.99
N ASN B 138 -0.47 -21.81 11.91
CA ASN B 138 -1.00 -20.90 12.90
C ASN B 138 -2.49 -21.21 13.08
N ARG B 139 -3.12 -20.49 14.00
CA ARG B 139 -4.58 -20.45 14.06
C ARG B 139 -5.11 -19.65 12.87
N ALA B 140 -6.38 -19.87 12.53
CA ALA B 140 -7.01 -19.26 11.34
C ALA B 140 -6.86 -17.74 11.26
N ALA B 141 -6.77 -17.24 10.03
CA ALA B 141 -6.74 -15.79 9.71
C ALA B 141 -5.43 -15.02 10.00
N SER B 142 -4.36 -15.72 10.41
CA SER B 142 -3.02 -15.10 10.41
C SER B 142 -2.34 -15.37 9.07
N SER B 143 -1.32 -14.58 8.75
CA SER B 143 -0.65 -14.66 7.45
C SER B 143 0.20 -15.91 7.24
N LEU B 144 0.45 -16.69 8.31
CA LEU B 144 1.32 -17.88 8.25
C LEU B 144 0.59 -19.24 8.25
N SER B 145 -0.52 -19.32 7.50
CA SER B 145 -1.24 -20.60 7.33
C SER B 145 -2.09 -21.01 8.55
N GLY B 146 -3.00 -21.96 8.33
CA GLY B 146 -3.88 -22.51 9.39
C GLY B 146 -3.61 -23.96 9.85
N GLY B 147 -4.62 -24.55 10.49
CA GLY B 147 -4.61 -25.98 10.89
C GLY B 147 -4.39 -26.25 12.38
N ALA B 148 -3.83 -25.29 13.09
CA ALA B 148 -3.57 -25.44 14.52
C ALA B 148 -4.85 -25.57 15.36
N ASP B 149 -5.87 -24.80 15.02
CA ASP B 149 -7.17 -24.86 15.68
C ASP B 149 -7.72 -26.28 15.71
N THR B 150 -7.81 -26.87 14.53
CA THR B 150 -8.35 -28.21 14.36
C THR B 150 -7.49 -29.25 15.05
N LEU B 151 -6.18 -29.08 14.95
CA LEU B 151 -5.23 -29.92 15.71
C LEU B 151 -5.49 -29.76 17.21
N GLU B 152 -5.76 -28.54 17.65
CA GLU B 152 -5.99 -28.30 19.08
C GLU B 152 -7.31 -28.93 19.54
N ALA B 153 -8.31 -28.89 18.65
CA ALA B 153 -9.61 -29.49 18.91
C ALA B 153 -9.54 -31.01 18.96
N LEU B 154 -8.57 -31.59 18.23
CA LEU B 154 -8.31 -33.03 18.26
C LEU B 154 -7.51 -33.52 19.46
N GLY B 155 -7.00 -32.61 20.29
CA GLY B 155 -6.28 -32.97 21.52
C GLY B 155 -4.76 -32.87 21.42
N VAL B 156 -4.28 -32.45 20.26
CA VAL B 156 -2.84 -32.35 20.03
C VAL B 156 -2.33 -31.04 20.59
N ARG B 157 -1.12 -31.11 21.15
CA ARG B 157 -0.42 -29.94 21.66
C ARG B 157 0.37 -29.26 20.56
N ILE B 158 -0.07 -28.06 20.22
CA ILE B 158 0.43 -27.37 19.04
C ILE B 158 1.58 -26.43 19.29
N ASP B 159 1.82 -26.01 20.53
CA ASP B 159 2.90 -25.05 20.77
C ASP B 159 3.99 -25.59 21.72
N LEU B 160 4.92 -26.33 21.12
CA LEU B 160 6.03 -26.91 21.85
C LEU B 160 7.28 -26.24 21.34
N GLY B 161 8.31 -26.20 22.17
CA GLY B 161 9.59 -25.62 21.74
C GLY B 161 10.33 -26.54 20.77
N PRO B 162 11.44 -26.05 20.18
CA PRO B 162 12.27 -26.83 19.24
C PRO B 162 12.54 -28.26 19.71
N ASP B 163 13.05 -28.39 20.93
CA ASP B 163 13.43 -29.68 21.49
C ASP B 163 12.31 -30.68 21.51
N LEU B 164 11.13 -30.27 21.95
CA LEU B 164 10.00 -31.21 21.96
C LEU B 164 9.39 -31.51 20.57
N VAL B 165 9.52 -30.59 19.62
CA VAL B 165 9.04 -30.84 18.24
C VAL B 165 9.88 -31.96 17.65
N ALA B 166 11.19 -31.84 17.78
CA ALA B 166 12.14 -32.93 17.50
C ALA B 166 11.76 -34.25 18.14
N ARG B 167 11.55 -34.24 19.46
CA ARG B 167 11.20 -35.48 20.16
C ARG B 167 9.89 -36.04 19.60
N SER B 168 8.92 -35.19 19.31
CA SER B 168 7.68 -35.63 18.67
C SER B 168 7.94 -36.27 17.29
N LEU B 169 8.83 -35.67 16.51
CA LEU B 169 9.17 -36.17 15.17
C LEU B 169 9.85 -37.52 15.29
N ALA B 170 10.71 -37.66 16.31
CA ALA B 170 11.35 -38.95 16.62
C ALA B 170 10.32 -40.02 17.05
N GLU B 171 9.57 -39.71 18.10
CA GLU B 171 8.71 -40.70 18.72
C GLU B 171 7.44 -40.98 17.93
N VAL B 172 6.84 -39.93 17.35
CA VAL B 172 5.52 -40.07 16.74
C VAL B 172 5.59 -40.21 15.21
N GLY B 173 6.59 -39.58 14.59
CA GLY B 173 6.72 -39.56 13.15
C GLY B 173 6.22 -38.26 12.54
N ILE B 174 5.78 -37.34 13.41
CA ILE B 174 5.27 -36.04 13.01
C ILE B 174 5.49 -35.01 14.11
N GLY B 175 5.79 -33.78 13.69
CA GLY B 175 5.89 -32.65 14.62
C GLY B 175 5.17 -31.45 14.04
N PHE B 176 4.71 -30.55 14.92
CA PHE B 176 4.04 -29.32 14.49
C PHE B 176 4.69 -28.07 15.09
N CYS B 177 5.15 -27.17 14.21
CA CYS B 177 5.82 -25.95 14.60
C CYS B 177 4.82 -24.81 14.55
N PHE B 178 4.44 -24.34 15.73
CA PHE B 178 3.45 -23.27 15.89
C PHE B 178 4.13 -21.96 15.60
N ALA B 179 3.67 -21.28 14.56
CA ALA B 179 4.37 -20.08 14.06
C ALA B 179 4.69 -19.02 15.13
N PRO B 180 3.71 -18.65 15.99
CA PRO B 180 4.03 -17.68 17.04
C PRO B 180 5.21 -18.10 17.89
N ARG B 181 5.24 -19.38 18.23
CA ARG B 181 6.33 -19.99 19.01
C ARG B 181 7.69 -19.87 18.33
N PHE B 182 7.76 -20.18 17.04
CA PHE B 182 9.07 -20.22 16.32
C PHE B 182 9.49 -18.89 15.70
N HIS B 183 8.54 -18.00 15.44
CA HIS B 183 8.82 -16.65 14.88
C HIS B 183 8.29 -15.51 15.77
N PRO B 184 8.80 -15.41 17.00
CA PRO B 184 8.26 -14.37 17.92
C PRO B 184 8.40 -12.94 17.39
N SER B 185 9.39 -12.66 16.55
CA SER B 185 9.59 -11.31 16.00
C SER B 185 8.59 -10.96 14.89
N TYR B 186 7.89 -11.96 14.38
CA TYR B 186 6.85 -11.72 13.38
C TYR B 186 5.60 -11.07 14.02
N ARG B 187 5.49 -11.20 15.35
CA ARG B 187 4.45 -10.53 16.15
C ARG B 187 3.88 -9.25 15.54
N HIS B 188 4.73 -8.26 15.34
CA HIS B 188 4.31 -6.94 14.90
C HIS B 188 3.67 -7.02 13.53
N ALA B 189 4.39 -7.62 12.60
CA ALA B 189 3.91 -7.74 11.24
C ALA B 189 2.55 -8.40 11.25
N ALA B 190 2.38 -9.42 12.10
CA ALA B 190 1.11 -10.16 12.20
C ALA B 190 -0.09 -9.30 12.67
N ALA B 191 0.16 -8.45 13.68
CA ALA B 191 -0.87 -7.58 14.22
C ALA B 191 -1.37 -6.63 13.14
N VAL B 192 -0.40 -5.96 12.50
CA VAL B 192 -0.64 -5.03 11.41
C VAL B 192 -1.47 -5.69 10.30
N LEU B 193 -1.08 -6.89 9.90
CA LEU B 193 -1.73 -7.58 8.79
C LEU B 193 -3.15 -8.02 9.16
N ARG B 194 -3.39 -8.33 10.43
CA ARG B 194 -4.74 -8.61 10.89
C ARG B 194 -5.68 -7.40 10.66
N GLU B 195 -5.16 -6.18 10.83
CA GLU B 195 -5.97 -4.96 10.76
C GLU B 195 -6.35 -4.56 9.35
N ILE B 196 -5.40 -4.69 8.44
CA ILE B 196 -5.73 -4.43 7.05
C ILE B 196 -6.68 -5.51 6.56
N GLY B 197 -6.59 -6.70 7.18
CA GLY B 197 -7.61 -7.73 7.07
C GLY B 197 -7.82 -8.27 5.68
N VAL B 198 -6.75 -8.35 4.91
CA VAL B 198 -6.83 -8.62 3.47
C VAL B 198 -5.57 -9.38 3.04
N PRO B 199 -5.65 -10.19 1.97
CA PRO B 199 -4.45 -10.90 1.52
C PRO B 199 -3.32 -10.03 0.96
N THR B 200 -2.09 -10.31 1.39
CA THR B 200 -0.92 -9.67 0.84
C THR B 200 0.12 -10.73 0.53
N VAL B 201 1.18 -10.31 -0.16
CA VAL B 201 2.37 -11.13 -0.36
C VAL B 201 2.83 -11.88 0.95
N PHE B 202 2.52 -11.33 2.12
CA PHE B 202 2.88 -11.99 3.41
C PHE B 202 2.15 -13.31 3.66
N ASN B 203 1.01 -13.52 3.01
CA ASN B 203 0.29 -14.80 3.11
C ASN B 203 0.99 -16.00 2.41
N LEU B 204 2.07 -15.73 1.68
CA LEU B 204 2.88 -16.81 1.09
C LEU B 204 4.00 -17.29 2.02
N LEU B 205 4.22 -16.59 3.13
CA LEU B 205 5.40 -16.85 3.96
C LEU B 205 5.34 -18.15 4.79
N GLY B 206 4.15 -18.56 5.22
CA GLY B 206 3.96 -19.79 6.00
C GLY B 206 4.68 -21.01 5.47
N PRO B 207 4.35 -21.42 4.24
CA PRO B 207 5.02 -22.56 3.62
C PRO B 207 6.49 -22.35 3.40
N LEU B 208 6.90 -21.11 3.32
CA LEU B 208 8.27 -20.78 3.04
C LEU B 208 9.12 -20.48 4.28
N THR B 209 8.54 -20.53 5.48
CA THR B 209 9.28 -20.17 6.71
C THR B 209 9.07 -21.25 7.78
N ASN B 210 9.06 -22.49 7.35
CA ASN B 210 8.98 -23.62 8.23
C ASN B 210 10.33 -23.72 8.97
N PRO B 211 10.32 -23.67 10.34
CA PRO B 211 11.57 -23.54 11.11
C PRO B 211 12.47 -24.75 10.96
N ALA B 212 11.87 -25.91 10.72
CA ALA B 212 12.56 -27.17 10.47
C ALA B 212 13.09 -27.36 9.03
N ARG B 213 12.76 -26.44 8.12
CA ARG B 213 13.31 -26.40 6.74
C ARG B 213 13.30 -27.74 5.97
N PRO B 214 12.18 -28.44 5.98
CA PRO B 214 12.15 -29.72 5.31
C PRO B 214 12.40 -29.52 3.84
N ARG B 215 13.03 -30.48 3.18
CA ARG B 215 13.45 -30.29 1.79
C ARG B 215 12.39 -30.75 0.80
N ALA B 216 11.29 -31.30 1.31
CA ALA B 216 10.17 -31.69 0.47
C ALA B 216 8.82 -31.25 1.01
N GLY B 217 7.82 -31.29 0.15
CA GLY B 217 6.50 -30.89 0.56
C GLY B 217 5.46 -30.82 -0.53
N LEU B 218 4.21 -30.74 -0.09
CA LEU B 218 3.04 -30.53 -0.90
C LEU B 218 2.47 -29.18 -0.43
N ILE B 219 2.46 -28.22 -1.35
CA ILE B 219 2.26 -26.82 -1.00
C ILE B 219 1.11 -26.26 -1.81
N GLY B 220 0.03 -25.94 -1.12
CA GLY B 220 -1.15 -25.47 -1.81
C GLY B 220 -1.15 -23.96 -1.81
N CYS B 221 -1.73 -23.39 -2.86
CA CYS B 221 -1.79 -21.95 -3.06
C CYS B 221 -3.09 -21.60 -3.77
N ALA B 222 -3.84 -20.68 -3.18
CA ALA B 222 -5.13 -20.21 -3.73
C ALA B 222 -4.87 -19.19 -4.79
N PHE B 223 -3.80 -18.43 -4.61
CA PHE B 223 -3.48 -17.31 -5.49
C PHE B 223 -2.63 -17.87 -6.67
N ALA B 224 -3.28 -18.10 -7.82
CA ALA B 224 -2.69 -18.80 -8.96
C ALA B 224 -1.44 -18.14 -9.55
N ASP B 225 -1.50 -16.82 -9.68
CA ASP B 225 -0.33 -16.03 -10.11
C ASP B 225 0.89 -16.25 -9.20
N LEU B 226 0.63 -16.40 -7.92
CA LEU B 226 1.68 -16.44 -6.91
C LEU B 226 2.15 -17.86 -6.61
N ALA B 227 1.50 -18.85 -7.19
CA ALA B 227 1.95 -20.23 -7.04
C ALA B 227 3.32 -20.40 -7.68
N GLU B 228 3.45 -19.85 -8.89
CA GLU B 228 4.70 -19.95 -9.65
C GLU B 228 5.85 -19.22 -8.96
N VAL B 229 5.50 -18.19 -8.18
CA VAL B 229 6.48 -17.44 -7.41
C VAL B 229 6.93 -18.30 -6.22
N MET B 230 5.98 -18.86 -5.48
CA MET B 230 6.31 -19.81 -4.43
C MET B 230 7.19 -20.92 -4.96
N ALA B 231 6.83 -21.43 -6.13
CA ALA B 231 7.58 -22.52 -6.74
C ALA B 231 9.05 -22.18 -6.97
N GLY B 232 9.28 -20.93 -7.38
CA GLY B 232 10.59 -20.48 -7.73
C GLY B 232 11.48 -20.30 -6.52
N VAL B 233 10.86 -19.83 -5.42
CA VAL B 233 11.53 -19.78 -4.14
C VAL B 233 11.94 -21.18 -3.74
N PHE B 234 11.07 -22.16 -3.95
CA PHE B 234 11.44 -23.56 -3.64
C PHE B 234 12.55 -24.12 -4.56
N ALA B 235 12.55 -23.72 -5.82
CA ALA B 235 13.60 -24.12 -6.78
C ALA B 235 15.00 -23.69 -6.33
N ALA B 236 15.07 -22.47 -5.80
CA ALA B 236 16.33 -21.88 -5.35
C ALA B 236 16.89 -22.63 -4.15
N ARG B 237 16.02 -23.23 -3.34
CA ARG B 237 16.42 -24.07 -2.20
C ARG B 237 16.68 -25.48 -2.63
N ARG B 238 16.41 -25.76 -3.91
CA ARG B 238 16.56 -27.10 -4.47
C ARG B 238 15.72 -28.11 -3.71
N SER B 239 14.50 -27.71 -3.36
CA SER B 239 13.62 -28.61 -2.67
C SER B 239 12.94 -29.48 -3.70
N SER B 240 12.43 -30.62 -3.27
CA SER B 240 11.51 -31.40 -4.09
C SER B 240 10.11 -31.19 -3.54
N VAL B 241 9.37 -30.34 -4.24
CA VAL B 241 8.08 -29.86 -3.83
C VAL B 241 7.09 -29.84 -5.02
N LEU B 242 5.84 -30.16 -4.76
CA LEU B 242 4.75 -29.90 -5.69
C LEU B 242 3.94 -28.77 -5.09
N VAL B 243 3.95 -27.63 -5.77
CA VAL B 243 3.07 -26.52 -5.43
C VAL B 243 1.83 -26.82 -6.23
N VAL B 244 0.67 -26.73 -5.59
CA VAL B 244 -0.56 -27.16 -6.22
C VAL B 244 -1.65 -26.11 -6.13
N HIS B 245 -2.40 -26.00 -7.23
CA HIS B 245 -3.54 -25.10 -7.28
C HIS B 245 -4.66 -25.83 -8.01
N GLY B 246 -5.75 -26.07 -7.30
CA GLY B 246 -6.94 -26.61 -7.93
C GLY B 246 -7.53 -25.59 -8.88
N ASP B 247 -7.83 -26.01 -10.10
CA ASP B 247 -8.37 -25.08 -11.10
C ASP B 247 -9.77 -24.63 -10.74
N ASP B 248 -10.32 -25.19 -9.67
CA ASP B 248 -11.50 -24.65 -9.00
C ASP B 248 -11.13 -23.65 -7.90
N GLY B 249 -9.88 -23.20 -7.87
CA GLY B 249 -9.43 -22.25 -6.85
C GLY B 249 -9.00 -22.83 -5.51
N LEU B 250 -9.10 -24.14 -5.31
CA LEU B 250 -8.67 -24.72 -4.02
C LEU B 250 -7.18 -24.63 -3.79
N ASP B 251 -6.78 -24.44 -2.52
CA ASP B 251 -5.36 -24.49 -2.14
C ASP B 251 -4.90 -25.92 -1.78
N GLU B 252 -5.50 -26.90 -2.44
CA GLU B 252 -5.12 -28.30 -2.35
C GLU B 252 -5.28 -28.84 -3.75
N LEU B 253 -4.76 -30.04 -3.98
CA LEU B 253 -5.22 -30.85 -5.09
C LEU B 253 -6.68 -31.20 -4.85
N THR B 254 -7.51 -30.93 -5.86
CA THR B 254 -8.96 -31.07 -5.82
C THR B 254 -9.42 -32.27 -6.63
N THR B 255 -10.64 -32.73 -6.35
CA THR B 255 -11.29 -33.75 -7.15
C THR B 255 -12.55 -33.18 -7.84
N THR B 256 -12.70 -31.86 -7.76
CA THR B 256 -13.77 -31.16 -8.45
C THR B 256 -13.47 -31.07 -9.93
N THR B 257 -12.18 -31.05 -10.25
CA THR B 257 -11.72 -30.80 -11.60
C THR B 257 -10.20 -31.07 -11.67
N THR B 258 -9.54 -30.55 -12.71
CA THR B 258 -8.09 -30.65 -12.84
C THR B 258 -7.40 -29.67 -11.88
N SER B 259 -6.09 -29.86 -11.72
CA SER B 259 -5.25 -28.95 -10.94
C SER B 259 -4.03 -28.57 -11.73
N THR B 260 -3.43 -27.46 -11.36
CA THR B 260 -2.17 -27.04 -11.93
C THR B 260 -1.11 -27.39 -10.89
N ILE B 261 -0.05 -28.06 -11.32
CA ILE B 261 1.06 -28.42 -10.47
C ILE B 261 2.32 -27.80 -11.03
N TRP B 262 3.04 -27.08 -10.18
CA TRP B 262 4.41 -26.69 -10.47
C TRP B 262 5.31 -27.73 -9.81
N ARG B 263 5.89 -28.62 -10.60
CA ARG B 263 6.77 -29.66 -10.09
C ARG B 263 8.13 -29.04 -9.88
N VAL B 264 8.57 -28.96 -8.63
CA VAL B 264 9.88 -28.37 -8.32
C VAL B 264 10.84 -29.50 -8.07
N ALA B 265 11.85 -29.60 -8.93
CA ALA B 265 12.80 -30.70 -8.86
C ALA B 265 14.13 -30.30 -9.46
N ALA B 266 15.22 -30.68 -8.80
CA ALA B 266 16.57 -30.48 -9.31
C ALA B 266 16.81 -29.01 -9.61
N GLY B 267 16.20 -28.14 -8.81
CA GLY B 267 16.33 -26.69 -8.98
C GLY B 267 15.49 -26.07 -10.07
N SER B 268 14.78 -26.91 -10.84
CA SER B 268 13.98 -26.44 -11.98
C SER B 268 12.55 -26.46 -11.54
N VAL B 269 11.76 -25.59 -12.14
CA VAL B 269 10.32 -25.60 -11.99
C VAL B 269 9.76 -26.14 -13.31
N ASP B 270 8.49 -26.54 -13.28
CA ASP B 270 7.88 -27.12 -14.45
C ASP B 270 6.37 -27.20 -14.25
N LYS B 271 5.62 -26.42 -15.02
CA LYS B 271 4.16 -26.36 -14.89
C LYS B 271 3.44 -27.49 -15.65
N LEU B 272 2.55 -28.18 -14.95
CA LEU B 272 1.78 -29.31 -15.49
C LEU B 272 0.31 -29.17 -15.17
N THR B 273 -0.53 -29.88 -15.92
CA THR B 273 -1.96 -30.01 -15.63
C THR B 273 -2.19 -31.44 -15.10
N PHE B 274 -3.02 -31.58 -14.07
CA PHE B 274 -3.17 -32.86 -13.39
C PHE B 274 -4.64 -33.19 -13.24
N ASP B 275 -5.03 -34.38 -13.69
CA ASP B 275 -6.43 -34.80 -13.60
C ASP B 275 -6.54 -36.12 -12.87
N PRO B 276 -7.21 -36.13 -11.69
CA PRO B 276 -7.25 -37.36 -10.90
C PRO B 276 -8.18 -38.44 -11.50
N ALA B 277 -8.92 -38.09 -12.55
CA ALA B 277 -9.72 -39.08 -13.28
C ALA B 277 -8.83 -40.19 -13.77
N GLY B 278 -7.64 -39.86 -14.25
CA GLY B 278 -6.68 -40.85 -14.70
C GLY B 278 -6.28 -41.91 -13.67
N PHE B 279 -6.66 -41.72 -12.40
CA PHE B 279 -6.44 -42.72 -11.36
C PHE B 279 -7.76 -43.20 -10.76
N GLY B 280 -8.88 -42.83 -11.37
CA GLY B 280 -10.20 -43.36 -11.02
C GLY B 280 -10.94 -42.56 -9.96
N PHE B 281 -10.66 -41.26 -9.88
CA PHE B 281 -11.29 -40.44 -8.84
C PHE B 281 -12.56 -39.83 -9.38
N ALA B 282 -13.70 -40.24 -8.84
CA ALA B 282 -14.97 -39.63 -9.23
C ALA B 282 -14.92 -38.13 -8.96
N ARG B 283 -15.45 -37.35 -9.89
CA ARG B 283 -15.52 -35.90 -9.74
C ARG B 283 -16.46 -35.59 -8.58
N ALA B 284 -16.08 -34.64 -7.73
CA ALA B 284 -16.95 -34.23 -6.62
C ALA B 284 -17.28 -32.76 -6.72
N GLN B 285 -18.22 -32.31 -5.91
CA GLN B 285 -18.56 -30.90 -5.86
C GLN B 285 -17.70 -30.16 -4.83
N LEU B 286 -17.43 -28.89 -5.12
CA LEU B 286 -16.65 -28.01 -4.25
C LEU B 286 -17.18 -28.01 -2.82
N ASP B 287 -18.51 -28.09 -2.66
CA ASP B 287 -19.16 -27.97 -1.34
C ASP B 287 -19.23 -29.27 -0.52
N GLN B 288 -18.61 -30.33 -1.00
CA GLN B 288 -18.50 -31.58 -0.25
C GLN B 288 -17.15 -31.69 0.43
N LEU B 289 -16.20 -30.86 -0.01
CA LEU B 289 -14.84 -30.82 0.55
C LEU B 289 -14.73 -29.63 1.50
N ALA B 290 -15.77 -29.40 2.31
CA ALA B 290 -16.13 -28.06 2.75
C ALA B 290 -16.78 -27.91 4.14
N GLY B 291 -17.06 -26.65 4.49
CA GLY B 291 -17.91 -26.28 5.63
C GLY B 291 -17.33 -26.59 7.00
N GLY B 292 -16.22 -25.94 7.35
CA GLY B 292 -15.46 -26.35 8.53
C GLY B 292 -14.96 -25.31 9.50
N ASP B 293 -15.55 -25.29 10.69
CA ASP B 293 -14.91 -24.69 11.87
C ASP B 293 -14.06 -25.75 12.57
N ALA B 294 -13.22 -25.33 13.51
CA ALA B 294 -12.26 -26.23 14.15
C ALA B 294 -12.87 -27.49 14.82
N GLN B 295 -13.98 -27.35 15.52
CA GLN B 295 -14.62 -28.51 16.18
C GLN B 295 -15.29 -29.46 15.17
N ALA B 296 -15.72 -28.91 14.03
CA ALA B 296 -16.32 -29.72 12.97
C ALA B 296 -15.23 -30.45 12.19
N ASN B 297 -14.22 -29.69 11.77
CA ASN B 297 -13.04 -30.25 11.15
C ASN B 297 -12.42 -31.36 11.95
N ALA B 298 -12.42 -31.23 13.27
CA ALA B 298 -11.98 -32.31 14.12
C ALA B 298 -12.78 -33.57 13.83
N ALA B 299 -14.11 -33.44 13.79
CA ALA B 299 -14.99 -34.61 13.60
C ALA B 299 -14.83 -35.25 12.23
N ALA B 300 -14.58 -34.42 11.22
CA ALA B 300 -14.38 -34.92 9.86
C ALA B 300 -13.12 -35.79 9.81
N VAL B 301 -12.08 -35.41 10.56
CA VAL B 301 -10.83 -36.17 10.67
C VAL B 301 -11.08 -37.53 11.28
N ARG B 302 -11.79 -37.56 12.42
CA ARG B 302 -12.14 -38.82 13.10
C ARG B 302 -13.04 -39.72 12.25
N ALA B 303 -14.01 -39.12 11.60
CA ALA B 303 -14.84 -39.84 10.67
C ALA B 303 -13.93 -40.52 9.66
N VAL B 304 -13.13 -39.70 8.97
CA VAL B 304 -12.35 -40.17 7.83
C VAL B 304 -11.19 -41.11 8.19
N LEU B 305 -10.47 -40.82 9.27
CA LEU B 305 -9.44 -41.72 9.78
C LEU B 305 -10.01 -43.02 10.32
N GLY B 306 -11.30 -43.00 10.69
CA GLY B 306 -11.97 -44.21 11.14
C GLY B 306 -12.56 -45.04 10.01
N GLY B 307 -12.42 -44.58 8.76
CA GLY B 307 -12.85 -45.35 7.59
C GLY B 307 -14.06 -44.82 6.82
N ALA B 308 -14.63 -43.69 7.23
CA ALA B 308 -15.73 -43.13 6.46
C ALA B 308 -15.33 -42.94 4.99
N ARG B 309 -15.87 -43.76 4.11
CA ARG B 309 -15.64 -43.59 2.68
C ARG B 309 -16.32 -42.31 2.22
N GLY B 310 -15.89 -41.77 1.08
CA GLY B 310 -16.54 -40.56 0.54
C GLY B 310 -15.60 -39.59 -0.15
N PRO B 311 -16.15 -38.46 -0.62
CA PRO B 311 -15.35 -37.51 -1.41
C PRO B 311 -14.22 -36.82 -0.61
N VAL B 312 -14.39 -36.70 0.71
CA VAL B 312 -13.37 -36.12 1.59
C VAL B 312 -12.18 -37.05 1.73
N ARG B 313 -12.43 -38.31 2.01
CA ARG B 313 -11.37 -39.33 2.00
C ARG B 313 -10.62 -39.26 0.67
N ASP B 314 -11.34 -39.29 -0.44
CA ASP B 314 -10.70 -39.29 -1.76
C ASP B 314 -9.67 -38.18 -1.92
N ALA B 315 -10.08 -36.98 -1.53
CA ALA B 315 -9.25 -35.80 -1.60
C ALA B 315 -8.10 -35.83 -0.57
N VAL B 316 -8.31 -36.47 0.58
CA VAL B 316 -7.21 -36.67 1.54
C VAL B 316 -6.21 -37.65 0.94
N VAL B 317 -6.72 -38.76 0.41
CA VAL B 317 -5.87 -39.78 -0.20
C VAL B 317 -5.03 -39.16 -1.31
N LEU B 318 -5.68 -38.40 -2.19
CA LEU B 318 -5.02 -37.74 -3.31
C LEU B 318 -3.89 -36.79 -2.88
N ASN B 319 -4.17 -35.93 -1.90
CA ASN B 319 -3.19 -34.96 -1.45
C ASN B 319 -2.00 -35.58 -0.69
N ALA B 320 -2.29 -36.56 0.17
CA ALA B 320 -1.28 -37.38 0.80
C ALA B 320 -0.36 -38.07 -0.23
N ALA B 321 -0.95 -38.71 -1.25
CA ALA B 321 -0.13 -39.27 -2.33
C ALA B 321 0.75 -38.17 -2.88
N GLY B 322 0.21 -36.97 -2.98
CA GLY B 322 0.98 -35.84 -3.49
C GLY B 322 2.26 -35.62 -2.72
N ALA B 323 2.11 -35.46 -1.41
CA ALA B 323 3.25 -35.34 -0.51
C ALA B 323 4.19 -36.54 -0.63
N ILE B 324 3.67 -37.74 -0.76
CA ILE B 324 4.55 -38.90 -0.89
C ILE B 324 5.31 -38.87 -2.24
N VAL B 325 4.64 -38.42 -3.32
CA VAL B 325 5.30 -38.20 -4.63
C VAL B 325 6.44 -37.18 -4.48
N ALA B 326 6.15 -36.06 -3.84
CA ALA B 326 7.19 -35.06 -3.56
C ALA B 326 8.36 -35.67 -2.79
N HIS B 327 8.08 -36.60 -1.89
CA HIS B 327 9.12 -37.23 -1.07
C HIS B 327 9.94 -38.13 -1.98
N ALA B 328 9.27 -38.92 -2.80
CA ALA B 328 9.94 -39.71 -3.85
C ALA B 328 10.86 -38.86 -4.72
N GLY B 329 10.45 -37.65 -5.05
CA GLY B 329 11.26 -36.74 -5.87
C GLY B 329 12.59 -36.28 -5.31
N LEU B 330 12.91 -36.62 -4.06
CA LEU B 330 14.26 -36.39 -3.57
C LEU B 330 15.21 -37.40 -4.22
N SER B 331 14.70 -38.62 -4.48
CA SER B 331 15.49 -39.71 -5.06
C SER B 331 16.15 -39.38 -6.40
N SER B 332 15.47 -38.61 -7.25
CA SER B 332 16.05 -38.18 -8.55
C SER B 332 16.16 -39.30 -9.63
N ARG B 333 15.95 -40.55 -9.23
CA ARG B 333 15.67 -41.64 -10.16
C ARG B 333 14.16 -41.95 -10.17
N ALA B 334 13.37 -41.11 -9.50
CA ALA B 334 11.94 -41.33 -9.33
C ALA B 334 11.16 -40.97 -10.61
N GLU B 335 10.23 -41.82 -11.01
CA GLU B 335 9.37 -41.57 -12.18
C GLU B 335 7.95 -41.18 -11.76
N TRP B 336 7.39 -40.19 -12.47
CA TRP B 336 6.13 -39.54 -12.14
C TRP B 336 4.95 -40.50 -11.91
N LEU B 337 4.62 -41.34 -12.90
CA LEU B 337 3.40 -42.17 -12.79
C LEU B 337 3.48 -43.31 -11.75
N PRO B 338 4.56 -44.11 -11.76
CA PRO B 338 4.72 -45.09 -10.67
C PRO B 338 4.82 -44.48 -9.27
N ALA B 339 5.32 -43.24 -9.18
CA ALA B 339 5.41 -42.54 -7.91
C ALA B 339 4.03 -42.23 -7.38
N TRP B 340 3.13 -41.86 -8.29
CA TRP B 340 1.75 -41.60 -7.92
C TRP B 340 0.97 -42.85 -7.50
N GLU B 341 1.32 -44.00 -8.06
CA GLU B 341 0.60 -45.23 -7.77
C GLU B 341 1.03 -45.74 -6.42
N GLU B 342 2.33 -45.75 -6.21
CA GLU B 342 2.88 -46.05 -4.92
C GLU B 342 2.29 -45.11 -3.85
N GLY B 343 2.10 -43.84 -4.23
CA GLY B 343 1.59 -42.83 -3.33
C GLY B 343 0.16 -43.08 -2.93
N LEU B 344 -0.67 -43.36 -3.94
CA LEU B 344 -2.08 -43.66 -3.74
C LEU B 344 -2.25 -44.94 -2.92
N ARG B 345 -1.43 -45.93 -3.23
CA ARG B 345 -1.41 -47.21 -2.53
C ARG B 345 -1.04 -47.05 -1.04
N ARG B 346 0.00 -46.30 -0.75
CA ARG B 346 0.50 -46.19 0.62
C ARG B 346 -0.37 -45.34 1.54
N ALA B 347 -0.96 -44.29 0.99
CA ALA B 347 -1.92 -43.45 1.74
C ALA B 347 -3.24 -44.17 1.98
N SER B 348 -3.76 -44.87 0.97
CA SER B 348 -4.92 -45.75 1.16
C SER B 348 -4.70 -46.75 2.29
N ALA B 349 -3.53 -47.37 2.28
CA ALA B 349 -3.20 -48.39 3.25
C ALA B 349 -2.96 -47.79 4.65
N ALA B 350 -2.41 -46.58 4.75
CA ALA B 350 -2.22 -45.97 6.07
C ALA B 350 -3.57 -45.65 6.73
N ILE B 351 -4.55 -45.26 5.93
CA ILE B 351 -5.93 -45.10 6.44
C ILE B 351 -6.56 -46.45 6.79
N ASP B 352 -6.71 -47.32 5.78
CA ASP B 352 -7.45 -48.59 5.92
C ASP B 352 -6.89 -49.52 7.00
N THR B 353 -5.58 -49.57 7.18
CA THR B 353 -4.98 -50.35 8.29
C THR B 353 -5.31 -49.74 9.68
N GLY B 354 -5.59 -48.44 9.73
CA GLY B 354 -5.84 -47.72 10.98
C GLY B 354 -4.58 -47.15 11.61
N ALA B 355 -3.46 -47.36 10.93
CA ALA B 355 -2.20 -46.73 11.26
C ALA B 355 -2.33 -45.21 11.40
N ALA B 356 -3.16 -44.57 10.58
CA ALA B 356 -3.33 -43.11 10.67
C ALA B 356 -4.13 -42.72 11.93
N GLU B 357 -5.26 -43.38 12.11
CA GLU B 357 -6.04 -43.22 13.33
C GLU B 357 -5.16 -43.43 14.57
N GLN B 358 -4.37 -44.51 14.55
CA GLN B 358 -3.44 -44.81 15.62
C GLN B 358 -2.35 -43.78 15.78
N LEU B 359 -1.86 -43.22 14.68
CA LEU B 359 -0.83 -42.19 14.77
C LEU B 359 -1.37 -40.92 15.47
N LEU B 360 -2.57 -40.51 15.07
CA LEU B 360 -3.23 -39.39 15.74
C LEU B 360 -3.30 -39.64 17.26
N ALA B 361 -3.77 -40.82 17.66
CA ALA B 361 -3.83 -41.22 19.06
C ALA B 361 -2.47 -41.20 19.73
N ARG B 362 -1.46 -41.78 19.08
CA ARG B 362 -0.10 -41.71 19.59
C ARG B 362 0.40 -40.26 19.71
N TRP B 363 -0.04 -39.40 18.82
CA TRP B 363 0.35 -37.99 18.85
C TRP B 363 -0.23 -37.31 20.10
N VAL B 364 -1.51 -37.56 20.36
CA VAL B 364 -2.21 -36.94 21.51
C VAL B 364 -1.54 -37.41 22.81
N ARG B 365 -1.39 -38.73 22.95
CA ARG B 365 -0.73 -39.36 24.10
C ARG B 365 0.64 -38.73 24.32
N PHE B 366 1.42 -38.63 23.25
CA PHE B 366 2.74 -38.00 23.35
C PHE B 366 2.61 -36.68 24.10
N GLY B 367 1.73 -35.80 23.62
CA GLY B 367 1.53 -34.49 24.23
C GLY B 367 1.16 -34.49 25.72
N ARG B 368 0.60 -35.60 26.18
CA ARG B 368 0.23 -35.75 27.58
C ARG B 368 1.34 -36.33 28.44
N GLN B 369 2.34 -36.93 27.82
CA GLN B 369 3.41 -37.56 28.60
C GLN B 369 4.69 -36.71 28.57
N ILE B 370 4.60 -35.50 29.13
CA ILE B 370 5.73 -34.56 29.19
C ILE B 370 5.78 -33.87 30.57
#